data_5FAR
#
_entry.id   5FAR
#
_cell.length_a   63.795
_cell.length_b   138.209
_cell.length_c   63.933
_cell.angle_alpha   90.00
_cell.angle_beta   89.97
_cell.angle_gamma   90.00
#
_symmetry.space_group_name_H-M   'P 1 21 1'
#
loop_
_entity.id
_entity.type
_entity.pdbx_description
1 polymer '7,8-dihydroneopterin aldolase'
2 non-polymer 9-METHYLGUANINE
3 water water
#
_entity_poly.entity_id   1
_entity_poly.type   'polypeptide(L)'
_entity_poly.pdbx_seq_one_letter_code
;SNA(MSE)DKIYIHD(MSE)EFYGYHGVFPEENKLGQRFKVDLTVELDLKRAGESDDLEHSVNYGELFELCRKVVEDRTY
KLVESIAENIATDILKQYESISRCTIKVIKPDPPIPGHYRAVAVEITRERP
;
_entity_poly.pdbx_strand_id   A,B,C,D,E,F,G,H
#
loop_
_chem_comp.id
_chem_comp.type
_chem_comp.name
_chem_comp.formula
9MG non-polymer 9-METHYLGUANINE 'C6 H7 N5 O'
#
# COMPACT_ATOMS: atom_id res chain seq x y z
N ASP A 5 -0.68 13.26 26.64
CA ASP A 5 -0.18 11.89 26.26
C ASP A 5 -1.32 10.97 25.81
N LYS A 6 -0.95 9.90 25.11
CA LYS A 6 -1.94 9.05 24.40
C LYS A 6 -1.51 7.57 24.33
N ILE A 7 -2.52 6.70 24.27
CA ILE A 7 -2.37 5.27 23.98
C ILE A 7 -3.23 4.96 22.76
N TYR A 8 -2.75 4.02 21.93
CA TYR A 8 -3.38 3.68 20.66
C TYR A 8 -3.54 2.18 20.43
N ILE A 9 -4.61 1.82 19.75
CA ILE A 9 -4.72 0.58 18.99
C ILE A 9 -5.26 0.98 17.61
N HIS A 10 -4.54 0.62 16.53
CA HIS A 10 -4.96 0.96 15.15
C HIS A 10 -5.51 -0.23 14.36
N ASP A 11 -6.49 0.06 13.49
CA ASP A 11 -7.12 -0.89 12.56
C ASP A 11 -7.43 -2.28 13.12
N MSE A 12 -8.18 -2.28 14.21
CA MSE A 12 -8.76 -3.53 14.74
C MSE A 12 -9.78 -3.98 13.74
O MSE A 12 -10.64 -3.18 13.37
CB MSE A 12 -9.45 -3.30 16.07
CG MSE A 12 -8.49 -2.85 17.16
SE MSE A 12 -9.51 -2.59 18.81
CE MSE A 12 -9.64 -0.63 18.76
N GLU A 13 -9.69 -5.22 13.26
CA GLU A 13 -10.70 -5.78 12.34
C GLU A 13 -11.51 -6.86 13.07
N PHE A 14 -12.83 -6.75 12.99
CA PHE A 14 -13.74 -7.79 13.50
C PHE A 14 -14.75 -8.15 12.43
N TYR A 15 -15.35 -9.33 12.51
CA TYR A 15 -16.51 -9.66 11.69
C TYR A 15 -17.71 -9.64 12.61
N GLY A 16 -18.74 -8.88 12.25
CA GLY A 16 -19.94 -8.74 13.07
C GLY A 16 -21.16 -8.70 12.19
N TYR A 17 -22.34 -8.71 12.81
CA TYR A 17 -23.58 -8.74 12.05
C TYR A 17 -24.45 -7.52 12.33
N HIS A 18 -23.79 -6.37 12.53
CA HIS A 18 -24.47 -5.12 12.80
C HIS A 18 -25.10 -4.60 11.53
N GLY A 19 -26.10 -3.74 11.72
CA GLY A 19 -26.69 -2.96 10.65
C GLY A 19 -28.20 -2.72 10.75
N VAL A 20 -28.67 -1.71 10.04
CA VAL A 20 -30.08 -1.30 10.02
C VAL A 20 -30.96 -2.25 9.20
N PHE A 21 -30.52 -2.58 7.99
CA PHE A 21 -31.30 -3.43 7.09
C PHE A 21 -31.14 -4.91 7.47
N PRO A 22 -32.26 -5.64 7.67
CA PRO A 22 -32.22 -7.00 8.25
C PRO A 22 -31.29 -8.00 7.52
N GLU A 23 -31.07 -7.78 6.22
CA GLU A 23 -30.13 -8.59 5.44
C GLU A 23 -28.69 -8.45 5.95
N GLU A 24 -28.27 -7.23 6.26
CA GLU A 24 -26.96 -7.00 6.90
C GLU A 24 -26.78 -7.84 8.17
N ASN A 25 -27.86 -7.99 8.94
CA ASN A 25 -27.83 -8.76 10.18
C ASN A 25 -27.65 -10.27 10.00
N LYS A 26 -28.04 -10.84 8.87
CA LYS A 26 -27.74 -12.26 8.60
C LYS A 26 -26.40 -12.47 7.93
N LEU A 27 -26.12 -11.67 6.90
CA LEU A 27 -24.85 -11.77 6.15
C LEU A 27 -23.64 -11.37 7.00
N GLY A 28 -23.75 -10.23 7.69
CA GLY A 28 -22.62 -9.63 8.41
C GLY A 28 -21.66 -9.01 7.42
N GLN A 29 -20.52 -8.53 7.94
CA GLN A 29 -19.52 -7.82 7.15
C GLN A 29 -18.32 -7.44 8.02
N ARG A 30 -17.34 -6.74 7.46
CA ARG A 30 -16.17 -6.30 8.22
C ARG A 30 -16.52 -5.06 9.04
N PHE A 31 -15.89 -4.93 10.22
CA PHE A 31 -15.99 -3.73 11.05
C PHE A 31 -14.62 -3.43 11.60
N LYS A 32 -14.14 -2.22 11.37
CA LYS A 32 -12.85 -1.79 11.87
C LYS A 32 -13.01 -0.73 12.99
N VAL A 33 -12.11 -0.73 13.97
CA VAL A 33 -12.16 0.24 15.09
C VAL A 33 -10.77 0.84 15.34
N ASP A 34 -10.67 2.17 15.25
CA ASP A 34 -9.49 2.91 15.74
C ASP A 34 -9.79 3.45 17.16
N LEU A 35 -9.05 2.93 18.15
CA LEU A 35 -9.14 3.37 19.56
C LEU A 35 -8.03 4.38 19.88
N THR A 36 -8.38 5.39 20.69
CA THR A 36 -7.50 6.52 20.98
C THR A 36 -7.83 7.08 22.38
N VAL A 37 -7.21 6.51 23.41
CA VAL A 37 -7.47 6.90 24.81
C VAL A 37 -6.40 7.85 25.32
N GLU A 38 -6.82 8.94 25.98
CA GLU A 38 -5.91 10.00 26.48
C GLU A 38 -5.71 9.93 27.98
N LEU A 39 -4.52 10.35 28.42
CA LEU A 39 -4.09 10.29 29.83
C LEU A 39 -2.73 10.95 30.00
N ASP A 40 -2.14 10.79 31.18
CA ASP A 40 -0.73 11.07 31.42
C ASP A 40 0.04 9.74 31.48
N LEU A 41 1.22 9.69 30.87
CA LEU A 41 2.07 8.50 30.88
C LEU A 41 3.45 8.75 31.50
N LYS A 42 3.63 9.90 32.16
CA LYS A 42 4.86 10.20 32.90
C LYS A 42 5.13 9.19 34.02
N ARG A 43 4.08 8.74 34.71
CA ARG A 43 4.20 7.82 35.85
C ARG A 43 4.81 6.49 35.42
N ALA A 44 4.17 5.84 34.46
CA ALA A 44 4.64 4.55 33.94
C ALA A 44 6.00 4.64 33.21
N GLY A 45 6.21 5.74 32.48
CA GLY A 45 7.46 5.96 31.73
C GLY A 45 8.73 6.15 32.57
N GLU A 46 8.56 6.41 33.86
CA GLU A 46 9.69 6.47 34.81
C GLU A 46 9.78 5.22 35.69
N SER A 47 8.63 4.71 36.12
CA SER A 47 8.55 3.49 36.94
C SER A 47 8.77 2.19 36.15
N ASP A 48 8.46 2.22 34.85
CA ASP A 48 8.40 1.03 34.00
C ASP A 48 7.38 0.04 34.58
N ASP A 49 6.15 0.52 34.73
CA ASP A 49 5.13 -0.26 35.43
C ASP A 49 3.74 -0.27 34.81
N LEU A 50 3.23 -1.48 34.60
CA LEU A 50 1.89 -1.70 34.05
C LEU A 50 0.80 -1.37 35.09
N GLU A 51 1.19 -1.22 36.36
CA GLU A 51 0.31 -0.60 37.37
C GLU A 51 -0.05 0.84 37.00
N HIS A 52 0.95 1.65 36.67
CA HIS A 52 0.75 3.09 36.39
C HIS A 52 0.39 3.46 34.94
N SER A 53 0.01 2.48 34.12
CA SER A 53 -0.61 2.75 32.81
C SER A 53 -1.70 1.72 32.54
N VAL A 54 -2.38 1.90 31.41
CA VAL A 54 -3.50 1.05 31.01
C VAL A 54 -3.00 -0.16 30.20
N ASN A 55 -3.64 -1.31 30.42
CA ASN A 55 -3.38 -2.54 29.68
C ASN A 55 -3.94 -2.43 28.25
N TYR A 56 -3.08 -2.41 27.25
CA TYR A 56 -3.59 -2.34 25.85
C TYR A 56 -4.40 -3.57 25.43
N GLY A 57 -4.08 -4.72 26.03
CA GLY A 57 -4.70 -5.99 25.69
C GLY A 57 -6.14 -6.08 26.12
N GLU A 58 -6.43 -5.56 27.31
CA GLU A 58 -7.79 -5.46 27.81
C GLU A 58 -8.63 -4.50 26.94
N LEU A 59 -8.04 -3.42 26.46
CA LEU A 59 -8.75 -2.41 25.66
C LEU A 59 -9.22 -3.00 24.32
N PHE A 60 -8.36 -3.79 23.69
CA PHE A 60 -8.77 -4.58 22.53
C PHE A 60 -9.96 -5.48 22.84
N GLU A 61 -9.84 -6.23 23.95
CA GLU A 61 -10.87 -7.20 24.39
C GLU A 61 -12.24 -6.56 24.57
N LEU A 62 -12.24 -5.36 25.15
CA LEU A 62 -13.46 -4.59 25.35
C LEU A 62 -14.08 -4.19 24.00
N CYS A 63 -13.22 -3.78 23.07
CA CYS A 63 -13.67 -3.48 21.71
C CYS A 63 -14.20 -4.73 21.02
N ARG A 64 -13.45 -5.82 21.10
CA ARG A 64 -13.92 -7.13 20.63
C ARG A 64 -15.31 -7.46 21.18
N LYS A 65 -15.50 -7.26 22.49
CA LYS A 65 -16.78 -7.55 23.14
C LYS A 65 -17.95 -6.75 22.53
N VAL A 66 -17.77 -5.44 22.33
CA VAL A 66 -18.85 -4.59 21.80
C VAL A 66 -19.15 -4.86 20.31
N VAL A 67 -18.14 -5.20 19.52
CA VAL A 67 -18.31 -5.41 18.07
C VAL A 67 -18.72 -6.84 17.74
N GLU A 68 -18.13 -7.83 18.42
CA GLU A 68 -18.37 -9.26 18.13
C GLU A 68 -19.44 -9.95 18.97
N ASP A 69 -19.68 -9.46 20.19
CA ASP A 69 -20.51 -10.18 21.15
C ASP A 69 -21.90 -9.58 21.37
N ARG A 70 -22.20 -8.48 20.67
CA ARG A 70 -23.54 -7.88 20.65
C ARG A 70 -23.82 -7.35 19.24
N THR A 71 -25.08 -6.99 18.97
CA THR A 71 -25.49 -6.46 17.66
C THR A 71 -26.40 -5.25 17.81
N TYR A 72 -26.17 -4.24 16.95
CA TYR A 72 -26.89 -2.97 16.99
C TYR A 72 -27.32 -2.61 15.56
N LYS A 73 -28.34 -1.76 15.43
CA LYS A 73 -28.67 -1.13 14.14
C LYS A 73 -27.53 -0.26 13.63
N LEU A 74 -27.01 0.58 14.52
CA LEU A 74 -26.06 1.62 14.15
C LEU A 74 -24.62 1.30 14.55
N VAL A 75 -23.67 1.78 13.74
CA VAL A 75 -22.26 1.89 14.13
C VAL A 75 -22.02 2.91 15.24
N GLU A 76 -22.86 3.94 15.28
CA GLU A 76 -22.82 4.95 16.37
C GLU A 76 -22.96 4.35 17.77
N SER A 77 -23.71 3.24 17.88
CA SER A 77 -23.91 2.57 19.17
C SER A 77 -22.81 1.56 19.52
N ILE A 78 -22.07 1.08 18.52
CA ILE A 78 -20.83 0.36 18.77
C ILE A 78 -19.87 1.35 19.41
N ALA A 79 -19.71 2.49 18.76
CA ALA A 79 -18.81 3.56 19.23
C ALA A 79 -19.15 4.02 20.64
N GLU A 80 -20.44 4.18 20.92
CA GLU A 80 -20.90 4.70 22.22
C GLU A 80 -20.62 3.72 23.35
N ASN A 81 -21.06 2.48 23.18
CA ASN A 81 -20.92 1.44 24.21
C ASN A 81 -19.46 1.08 24.51
N ILE A 82 -18.57 1.27 23.53
CA ILE A 82 -17.10 1.17 23.74
C ILE A 82 -16.61 2.35 24.59
N ALA A 83 -16.93 3.58 24.16
CA ALA A 83 -16.48 4.79 24.86
C ALA A 83 -17.04 4.90 26.29
N THR A 84 -18.25 4.40 26.51
CA THR A 84 -18.88 4.40 27.84
C THR A 84 -18.22 3.39 28.78
N ASP A 85 -17.92 2.20 28.26
CA ASP A 85 -17.27 1.14 29.04
C ASP A 85 -15.78 1.43 29.32
N ILE A 86 -15.13 2.21 28.46
CA ILE A 86 -13.75 2.65 28.69
C ILE A 86 -13.71 3.61 29.87
N LEU A 87 -14.61 4.59 29.87
CA LEU A 87 -14.70 5.55 30.97
C LEU A 87 -15.26 4.94 32.26
N LYS A 88 -16.01 3.84 32.14
CA LYS A 88 -16.44 3.06 33.29
C LYS A 88 -15.26 2.40 34.01
N GLN A 89 -14.49 1.60 33.27
CA GLN A 89 -13.48 0.72 33.87
C GLN A 89 -12.10 1.34 34.10
N TYR A 90 -11.86 2.58 33.62
CA TYR A 90 -10.53 3.19 33.63
C TYR A 90 -10.60 4.66 34.04
N GLU A 91 -10.46 4.89 35.34
CA GLU A 91 -10.55 6.24 35.92
C GLU A 91 -9.45 7.18 35.41
N SER A 92 -8.22 6.68 35.32
CA SER A 92 -7.07 7.50 34.89
C SER A 92 -7.15 7.98 33.43
N ILE A 93 -8.10 7.46 32.66
CA ILE A 93 -8.34 7.93 31.30
C ILE A 93 -9.12 9.25 31.33
N SER A 94 -8.37 10.34 31.16
CA SER A 94 -8.90 11.69 30.93
C SER A 94 -10.03 11.75 29.90
N ARG A 95 -9.83 11.07 28.77
CA ARG A 95 -10.71 11.19 27.61
C ARG A 95 -10.41 10.05 26.62
N CYS A 96 -11.38 9.75 25.74
CA CYS A 96 -11.17 8.75 24.69
C CYS A 96 -11.81 9.17 23.38
N THR A 97 -11.33 8.56 22.29
CA THR A 97 -11.84 8.79 20.94
C THR A 97 -11.92 7.44 20.23
N ILE A 98 -13.12 7.10 19.79
CA ILE A 98 -13.38 5.85 19.09
C ILE A 98 -13.77 6.23 17.68
N LYS A 99 -13.18 5.56 16.69
CA LYS A 99 -13.63 5.67 15.31
C LYS A 99 -14.01 4.29 14.82
N VAL A 100 -15.31 4.08 14.57
CA VAL A 100 -15.80 2.81 14.02
C VAL A 100 -15.97 2.95 12.51
N ILE A 101 -15.52 1.94 11.78
CA ILE A 101 -15.35 2.00 10.32
C ILE A 101 -16.08 0.80 9.69
N LYS A 102 -16.92 1.09 8.70
CA LYS A 102 -17.66 0.09 7.93
C LYS A 102 -17.02 0.15 6.53
N PRO A 103 -16.01 -0.72 6.23
CA PRO A 103 -15.35 -0.66 4.90
C PRO A 103 -16.16 -1.15 3.68
N ASP A 104 -17.11 -2.05 3.91
CA ASP A 104 -17.89 -2.70 2.85
C ASP A 104 -19.37 -2.55 3.12
N PRO A 105 -19.87 -1.30 3.18
CA PRO A 105 -21.30 -1.08 3.29
C PRO A 105 -22.01 -1.30 1.97
N PRO A 106 -23.32 -1.57 2.03
CA PRO A 106 -24.07 -1.75 0.79
C PRO A 106 -24.48 -0.44 0.09
N ILE A 107 -23.52 0.42 -0.25
CA ILE A 107 -23.77 1.57 -1.09
C ILE A 107 -23.32 1.20 -2.51
N PRO A 108 -24.23 1.30 -3.48
CA PRO A 108 -23.79 1.18 -4.88
C PRO A 108 -22.84 2.32 -5.26
N GLY A 109 -21.55 2.05 -5.30
CA GLY A 109 -20.56 3.06 -5.64
C GLY A 109 -19.17 2.72 -5.17
N HIS A 110 -18.25 3.63 -5.45
CA HIS A 110 -16.84 3.40 -5.27
C HIS A 110 -16.25 4.35 -4.25
N TYR A 111 -15.78 3.78 -3.13
CA TYR A 111 -15.29 4.52 -1.97
C TYR A 111 -14.32 3.59 -1.24
N ARG A 112 -13.64 4.08 -0.20
CA ARG A 112 -12.86 3.20 0.67
C ARG A 112 -13.69 2.71 1.84
N ALA A 113 -14.42 3.62 2.51
CA ALA A 113 -15.13 3.28 3.73
C ALA A 113 -16.03 4.42 4.18
N VAL A 114 -17.08 4.08 4.94
CA VAL A 114 -17.83 5.08 5.73
C VAL A 114 -17.45 4.84 7.18
N ALA A 115 -17.73 5.82 8.03
CA ALA A 115 -17.19 5.82 9.38
C ALA A 115 -17.87 6.79 10.38
N VAL A 116 -17.89 6.39 11.66
CA VAL A 116 -18.19 7.31 12.77
C VAL A 116 -16.96 7.48 13.64
N GLU A 117 -16.85 8.65 14.25
CA GLU A 117 -15.81 8.97 15.22
C GLU A 117 -16.39 9.87 16.32
N ILE A 118 -16.41 9.35 17.55
CA ILE A 118 -16.84 10.11 18.74
C ILE A 118 -15.65 10.33 19.68
N THR A 119 -15.75 11.38 20.48
CA THR A 119 -14.81 11.67 21.57
C THR A 119 -15.63 11.84 22.85
N ARG A 120 -15.28 11.08 23.89
CA ARG A 120 -15.98 11.08 25.19
C ARG A 120 -15.02 11.34 26.34
N GLU A 121 -15.56 11.88 27.45
CA GLU A 121 -14.78 12.21 28.64
C GLU A 121 -15.67 12.46 29.84
N ARG A 122 -15.07 12.41 31.03
CA ARG A 122 -15.75 12.78 32.28
C ARG A 122 -15.36 14.19 32.67
N MSE B 4 -16.52 17.96 17.79
CA MSE B 4 -17.83 17.23 17.85
C MSE B 4 -17.63 15.77 17.55
O MSE B 4 -16.49 15.30 17.44
CB MSE B 4 -18.80 17.87 16.85
CG MSE B 4 -20.19 18.08 17.45
SE MSE B 4 -21.31 19.06 16.16
CE MSE B 4 -21.08 20.86 16.93
N ASP B 5 -18.74 15.03 17.48
CA ASP B 5 -18.77 13.69 16.91
C ASP B 5 -18.80 13.83 15.39
N LYS B 6 -18.33 12.80 14.68
CA LYS B 6 -18.11 12.88 13.22
C LYS B 6 -18.61 11.65 12.47
N ILE B 7 -19.34 11.87 11.38
CA ILE B 7 -19.55 10.85 10.35
C ILE B 7 -18.60 11.16 9.19
N TYR B 8 -18.08 10.08 8.57
CA TYR B 8 -17.09 10.14 7.50
C TYR B 8 -17.51 9.27 6.31
N ILE B 9 -17.18 9.73 5.10
CA ILE B 9 -17.03 8.84 3.93
C ILE B 9 -15.63 9.09 3.36
N HIS B 10 -14.86 8.02 3.22
CA HIS B 10 -13.45 8.08 2.86
C HIS B 10 -13.25 7.67 1.42
N ASP B 11 -12.65 8.56 0.64
N ASP B 11 -12.61 8.55 0.64
CA ASP B 11 -12.06 8.23 -0.67
CA ASP B 11 -12.08 8.23 -0.69
C ASP B 11 -13.09 7.76 -1.69
C ASP B 11 -13.11 7.75 -1.68
N MSE B 12 -14.20 8.50 -1.79
CA MSE B 12 -15.20 8.28 -2.85
C MSE B 12 -14.47 8.53 -4.14
O MSE B 12 -13.72 9.50 -4.24
CB MSE B 12 -16.37 9.26 -2.79
CG MSE B 12 -17.37 8.82 -1.73
SE MSE B 12 -18.61 10.26 -1.21
CE MSE B 12 -17.28 11.40 -0.34
N GLU B 13 -14.65 7.65 -5.11
CA GLU B 13 -14.01 7.78 -6.41
C GLU B 13 -15.09 7.90 -7.50
N PHE B 14 -14.93 8.91 -8.35
CA PHE B 14 -15.84 9.20 -9.44
C PHE B 14 -15.05 9.37 -10.69
N TYR B 15 -15.75 9.35 -11.80
CA TYR B 15 -15.22 9.81 -13.06
C TYR B 15 -16.05 11.04 -13.38
N GLY B 16 -15.39 12.14 -13.68
CA GLY B 16 -16.08 13.41 -13.99
C GLY B 16 -15.37 14.11 -15.12
N TYR B 17 -16.00 15.15 -15.66
CA TYR B 17 -15.49 15.83 -16.85
C TYR B 17 -15.13 17.28 -16.57
N HIS B 18 -14.73 17.55 -15.33
CA HIS B 18 -14.56 18.92 -14.83
C HIS B 18 -13.19 19.40 -15.28
N GLY B 19 -13.01 20.71 -15.37
CA GLY B 19 -11.70 21.29 -15.67
C GLY B 19 -11.74 22.61 -16.38
N VAL B 20 -10.66 23.37 -16.24
CA VAL B 20 -10.53 24.69 -16.88
C VAL B 20 -10.36 24.59 -18.39
N PHE B 21 -9.51 23.67 -18.86
CA PHE B 21 -9.24 23.53 -20.30
C PHE B 21 -10.41 22.79 -20.93
N PRO B 22 -10.74 23.10 -22.21
CA PRO B 22 -11.81 22.32 -22.85
C PRO B 22 -11.49 20.82 -22.93
N GLU B 23 -10.21 20.45 -23.02
CA GLU B 23 -9.81 19.05 -23.20
C GLU B 23 -10.03 18.15 -21.98
N GLU B 24 -9.96 18.72 -20.78
CA GLU B 24 -10.37 17.99 -19.57
C GLU B 24 -11.87 17.69 -19.57
N ASN B 25 -12.66 18.54 -20.24
CA ASN B 25 -14.10 18.29 -20.41
C ASN B 25 -14.37 17.19 -21.47
N LYS B 26 -13.56 17.13 -22.51
CA LYS B 26 -13.72 16.10 -23.55
C LYS B 26 -13.36 14.74 -22.96
N LEU B 27 -12.13 14.62 -22.48
CA LEU B 27 -11.56 13.34 -22.01
C LEU B 27 -12.12 12.89 -20.65
N GLY B 28 -12.22 13.82 -19.71
CA GLY B 28 -12.60 13.48 -18.34
C GLY B 28 -11.43 12.93 -17.55
N GLN B 29 -11.68 12.60 -16.30
CA GLN B 29 -10.65 12.03 -15.42
C GLN B 29 -11.25 11.51 -14.13
N ARG B 30 -10.42 10.83 -13.34
CA ARG B 30 -10.82 10.39 -12.02
C ARG B 30 -10.97 11.63 -11.14
N PHE B 31 -11.99 11.64 -10.28
CA PHE B 31 -12.11 12.58 -9.18
C PHE B 31 -12.39 11.78 -7.92
N LYS B 32 -11.76 12.19 -6.83
CA LYS B 32 -11.96 11.60 -5.53
C LYS B 32 -12.51 12.65 -4.57
N VAL B 33 -13.28 12.20 -3.58
CA VAL B 33 -13.85 13.10 -2.57
C VAL B 33 -13.85 12.43 -1.21
N ASP B 34 -13.30 13.13 -0.20
CA ASP B 34 -13.39 12.77 1.22
C ASP B 34 -14.45 13.64 1.89
N LEU B 35 -15.37 13.04 2.63
CA LEU B 35 -16.46 13.76 3.33
C LEU B 35 -16.25 13.69 4.83
N THR B 36 -16.42 14.83 5.50
CA THR B 36 -16.43 14.91 6.96
C THR B 36 -17.57 15.85 7.39
N VAL B 37 -18.48 15.34 8.21
CA VAL B 37 -19.64 16.14 8.68
C VAL B 37 -19.71 16.04 10.20
N GLU B 38 -20.03 17.18 10.84
CA GLU B 38 -20.06 17.31 12.30
C GLU B 38 -21.49 17.46 12.82
N LEU B 39 -21.81 16.66 13.81
CA LEU B 39 -23.15 16.62 14.40
C LEU B 39 -23.03 15.84 15.71
N ASP B 40 -24.15 15.69 16.43
CA ASP B 40 -24.16 14.95 17.67
C ASP B 40 -24.70 13.55 17.47
N LEU B 41 -23.97 12.56 17.95
CA LEU B 41 -24.32 11.15 17.77
C LEU B 41 -24.52 10.41 19.09
N LYS B 42 -24.51 11.16 20.20
CA LYS B 42 -24.82 10.64 21.53
C LYS B 42 -26.26 10.12 21.56
N ARG B 43 -27.17 10.88 20.94
N ARG B 43 -27.17 10.89 20.95
CA ARG B 43 -28.58 10.50 20.85
CA ARG B 43 -28.58 10.54 20.84
C ARG B 43 -28.75 9.24 20.02
C ARG B 43 -28.78 9.27 20.01
N ALA B 44 -28.15 9.24 18.82
CA ALA B 44 -28.15 8.06 17.95
C ALA B 44 -27.56 6.83 18.65
N GLY B 45 -26.47 7.04 19.42
CA GLY B 45 -25.80 5.97 20.17
C GLY B 45 -26.66 5.26 21.20
N GLU B 46 -27.24 6.03 22.12
CA GLU B 46 -28.07 5.46 23.18
C GLU B 46 -29.45 5.02 22.67
N SER B 47 -29.95 5.63 21.59
CA SER B 47 -31.19 5.19 20.95
C SER B 47 -31.00 3.94 20.06
N ASP B 48 -29.89 3.90 19.32
CA ASP B 48 -29.67 2.91 18.26
C ASP B 48 -30.83 2.93 17.25
N ASP B 49 -31.08 4.12 16.72
CA ASP B 49 -32.19 4.36 15.80
C ASP B 49 -31.76 5.44 14.80
N LEU B 50 -31.85 5.08 13.51
CA LEU B 50 -31.20 5.85 12.44
C LEU B 50 -31.72 7.27 12.27
N GLU B 51 -32.99 7.52 12.60
CA GLU B 51 -33.59 8.86 12.41
C GLU B 51 -32.93 9.96 13.27
N HIS B 52 -32.23 9.55 14.32
CA HIS B 52 -31.40 10.45 15.15
C HIS B 52 -30.01 10.78 14.55
N SER B 53 -29.69 10.20 13.40
CA SER B 53 -28.45 10.44 12.67
C SER B 53 -28.75 10.69 11.19
N VAL B 54 -27.69 10.90 10.40
CA VAL B 54 -27.79 11.13 8.96
C VAL B 54 -27.40 9.85 8.21
N ASN B 55 -28.19 9.49 7.20
CA ASN B 55 -27.98 8.31 6.35
C ASN B 55 -26.67 8.45 5.57
N TYR B 56 -25.73 7.52 5.74
CA TYR B 56 -24.46 7.59 4.99
C TYR B 56 -24.63 7.36 3.48
N GLY B 57 -25.65 6.61 3.06
CA GLY B 57 -25.96 6.45 1.64
C GLY B 57 -26.37 7.75 0.99
N GLU B 58 -27.30 8.45 1.62
CA GLU B 58 -27.76 9.73 1.09
C GLU B 58 -26.64 10.73 0.92
N LEU B 59 -25.68 10.73 1.86
CA LEU B 59 -24.44 11.50 1.72
C LEU B 59 -23.62 11.14 0.48
N PHE B 60 -23.30 9.84 0.32
CA PHE B 60 -22.56 9.39 -0.87
C PHE B 60 -23.27 9.88 -2.11
N GLU B 61 -24.53 9.51 -2.22
CA GLU B 61 -25.37 9.87 -3.35
C GLU B 61 -25.38 11.37 -3.63
N LEU B 62 -25.54 12.15 -2.56
CA LEU B 62 -25.50 13.60 -2.71
C LEU B 62 -24.22 14.09 -3.40
N CYS B 63 -23.06 13.57 -2.99
CA CYS B 63 -21.79 13.96 -3.64
C CYS B 63 -21.71 13.47 -5.08
N ARG B 64 -22.10 12.19 -5.30
CA ARG B 64 -22.12 11.58 -6.65
C ARG B 64 -22.86 12.50 -7.61
N LYS B 65 -24.04 12.96 -7.21
CA LYS B 65 -24.80 13.92 -8.02
C LYS B 65 -23.99 15.14 -8.42
N VAL B 66 -23.23 15.69 -7.47
CA VAL B 66 -22.45 16.91 -7.75
C VAL B 66 -21.29 16.61 -8.71
N VAL B 67 -20.56 15.53 -8.44
CA VAL B 67 -19.38 15.18 -9.24
C VAL B 67 -19.74 14.58 -10.62
N GLU B 68 -20.80 13.78 -10.70
CA GLU B 68 -21.20 13.09 -11.96
C GLU B 68 -22.25 13.85 -12.78
N ASP B 69 -23.39 14.18 -12.16
CA ASP B 69 -24.51 14.82 -12.90
C ASP B 69 -24.25 16.28 -13.30
N ARG B 70 -23.18 16.91 -12.80
CA ARG B 70 -22.83 18.30 -13.15
C ARG B 70 -21.39 18.39 -13.61
N THR B 71 -21.06 19.54 -14.20
CA THR B 71 -19.69 19.81 -14.64
C THR B 71 -19.32 21.29 -14.49
N TYR B 72 -18.12 21.51 -13.98
CA TYR B 72 -17.63 22.80 -13.50
C TYR B 72 -16.24 22.95 -14.06
N LYS B 73 -15.72 24.17 -14.08
CA LYS B 73 -14.33 24.39 -14.39
C LYS B 73 -13.42 24.01 -13.21
N LEU B 74 -13.91 24.14 -11.97
CA LEU B 74 -13.05 24.10 -10.78
C LEU B 74 -13.46 23.08 -9.73
N VAL B 75 -12.48 22.44 -9.08
CA VAL B 75 -12.75 21.53 -7.95
C VAL B 75 -13.30 22.26 -6.72
N GLU B 76 -12.76 23.46 -6.47
CA GLU B 76 -13.37 24.43 -5.56
C GLU B 76 -14.88 24.36 -5.68
N SER B 77 -15.38 24.56 -6.90
CA SER B 77 -16.82 24.56 -7.17
C SER B 77 -17.53 23.26 -6.79
N ILE B 78 -16.85 22.11 -6.99
CA ILE B 78 -17.34 20.82 -6.51
C ILE B 78 -17.41 20.80 -5.00
N ALA B 79 -16.31 21.14 -4.35
CA ALA B 79 -16.30 21.24 -2.88
C ALA B 79 -17.42 22.16 -2.38
N GLU B 80 -17.62 23.29 -3.04
CA GLU B 80 -18.57 24.33 -2.54
C GLU B 80 -20.04 23.90 -2.60
N ASN B 81 -20.44 23.26 -3.70
CA ASN B 81 -21.82 22.79 -3.83
C ASN B 81 -22.17 21.66 -2.87
N ILE B 82 -21.19 20.79 -2.55
CA ILE B 82 -21.40 19.67 -1.61
C ILE B 82 -21.63 20.22 -0.21
N ALA B 83 -20.70 21.04 0.27
CA ALA B 83 -20.87 21.71 1.56
C ALA B 83 -22.27 22.33 1.66
N THR B 84 -22.67 23.11 0.65
CA THR B 84 -23.96 23.86 0.62
C THR B 84 -25.18 22.94 0.61
N ASP B 85 -25.14 21.93 -0.25
CA ASP B 85 -26.26 20.98 -0.37
C ASP B 85 -26.35 20.03 0.83
N ILE B 86 -25.26 19.82 1.56
CA ILE B 86 -25.30 19.13 2.87
C ILE B 86 -26.02 20.01 3.91
N LEU B 87 -25.57 21.25 4.04
CA LEU B 87 -26.04 22.15 5.11
C LEU B 87 -27.54 22.44 4.95
N LYS B 88 -27.90 22.91 3.76
CA LYS B 88 -29.29 23.13 3.35
C LYS B 88 -30.20 21.92 3.59
N GLN B 89 -29.80 20.74 3.12
N GLN B 89 -29.79 20.73 3.13
CA GLN B 89 -30.61 19.51 3.29
CA GLN B 89 -30.58 19.51 3.29
C GLN B 89 -30.57 18.90 4.70
C GLN B 89 -30.60 18.96 4.72
N TYR B 90 -29.50 19.13 5.45
CA TYR B 90 -29.34 18.58 6.81
C TYR B 90 -29.15 19.63 7.91
N GLU B 91 -30.20 19.88 8.70
CA GLU B 91 -30.12 20.81 9.85
C GLU B 91 -29.51 20.17 11.11
N SER B 92 -29.49 18.83 11.17
CA SER B 92 -28.84 18.09 12.27
C SER B 92 -27.31 18.25 12.27
N ILE B 93 -26.76 18.60 11.10
CA ILE B 93 -25.33 18.83 10.91
C ILE B 93 -24.96 20.29 11.13
N SER B 94 -24.09 20.52 12.11
CA SER B 94 -23.57 21.86 12.42
C SER B 94 -22.56 22.38 11.39
N ARG B 95 -21.64 21.51 10.99
CA ARG B 95 -20.45 21.93 10.28
C ARG B 95 -19.92 20.74 9.46
N CYS B 96 -19.31 21.04 8.31
CA CYS B 96 -18.81 19.99 7.41
C CYS B 96 -17.48 20.39 6.76
N THR B 97 -16.66 19.39 6.45
CA THR B 97 -15.41 19.57 5.70
C THR B 97 -15.41 18.67 4.46
N ILE B 98 -15.19 19.27 3.28
CA ILE B 98 -15.17 18.53 2.02
C ILE B 98 -13.84 18.71 1.33
N LYS B 99 -13.22 17.60 0.87
CA LYS B 99 -11.96 17.62 0.14
C LYS B 99 -12.10 16.97 -1.23
N VAL B 100 -11.74 17.69 -2.29
CA VAL B 100 -11.95 17.22 -3.68
C VAL B 100 -10.61 17.00 -4.37
N ILE B 101 -10.29 15.75 -4.66
CA ILE B 101 -8.95 15.36 -5.11
C ILE B 101 -8.98 15.09 -6.62
N LYS B 102 -8.08 15.77 -7.34
CA LYS B 102 -7.71 15.43 -8.69
C LYS B 102 -6.42 14.62 -8.57
N PRO B 103 -6.47 13.30 -8.83
CA PRO B 103 -5.26 12.45 -8.73
C PRO B 103 -4.42 12.41 -10.02
N ASP B 104 -5.04 12.70 -11.16
CA ASP B 104 -4.40 12.62 -12.47
C ASP B 104 -4.54 13.89 -13.27
N PRO B 105 -4.27 15.06 -12.65
CA PRO B 105 -4.34 16.29 -13.42
C PRO B 105 -3.29 16.35 -14.54
N PRO B 106 -3.54 17.15 -15.59
CA PRO B 106 -2.56 17.29 -16.65
C PRO B 106 -1.42 18.25 -16.28
N ILE B 107 -0.52 17.81 -15.41
CA ILE B 107 0.69 18.59 -15.11
C ILE B 107 1.88 17.70 -15.41
N PRO B 108 2.82 18.17 -16.27
CA PRO B 108 4.05 17.42 -16.43
C PRO B 108 4.85 17.46 -15.12
N GLY B 109 5.05 16.30 -14.52
CA GLY B 109 5.59 16.19 -13.18
C GLY B 109 5.22 14.89 -12.49
N HIS B 110 5.66 14.79 -11.24
CA HIS B 110 5.56 13.57 -10.44
C HIS B 110 5.01 13.93 -9.07
N TYR B 111 3.83 13.41 -8.78
CA TYR B 111 3.05 13.79 -7.60
C TYR B 111 1.97 12.76 -7.39
N ARG B 112 1.46 12.63 -6.17
CA ARG B 112 0.34 11.76 -5.90
C ARG B 112 -0.97 12.43 -6.29
N ALA B 113 -1.19 13.68 -5.85
CA ALA B 113 -2.45 14.35 -6.09
C ALA B 113 -2.42 15.86 -5.79
N VAL B 114 -3.38 16.57 -6.38
CA VAL B 114 -3.76 17.93 -5.94
C VAL B 114 -5.20 17.89 -5.45
N ALA B 115 -5.57 18.86 -4.61
CA ALA B 115 -6.86 18.84 -3.92
C ALA B 115 -7.25 20.20 -3.32
N VAL B 116 -8.54 20.34 -3.00
CA VAL B 116 -9.05 21.52 -2.24
C VAL B 116 -9.90 21.04 -1.07
N GLU B 117 -9.61 21.56 0.13
CA GLU B 117 -10.36 21.25 1.34
C GLU B 117 -11.05 22.52 1.82
N ILE B 118 -12.36 22.47 2.02
CA ILE B 118 -13.10 23.61 2.64
C ILE B 118 -13.90 23.11 3.83
N THR B 119 -14.07 23.98 4.83
CA THR B 119 -14.90 23.73 6.00
C THR B 119 -15.99 24.81 6.01
N ARG B 120 -17.27 24.40 6.08
CA ARG B 120 -18.41 25.35 6.00
C ARG B 120 -19.40 25.23 7.15
N GLU B 121 -20.14 26.33 7.37
CA GLU B 121 -21.16 26.44 8.43
C GLU B 121 -22.20 27.51 8.06
N ARG B 122 -23.34 27.50 8.74
CA ARG B 122 -24.39 28.52 8.53
C ARG B 122 -24.05 29.82 9.26
N MSE C 4 -8.22 27.86 7.62
CA MSE C 4 -8.89 28.44 6.42
C MSE C 4 -9.01 27.38 5.34
O MSE C 4 -8.58 26.23 5.54
CB MSE C 4 -8.08 29.64 5.89
CG MSE C 4 -8.02 30.83 6.85
SE MSE C 4 -6.44 31.92 6.41
CE MSE C 4 -7.14 32.90 4.85
N ASP C 5 -9.58 27.76 4.21
CA ASP C 5 -9.59 26.91 3.02
C ASP C 5 -8.16 26.60 2.55
N LYS C 6 -8.01 25.58 1.71
CA LYS C 6 -6.69 24.98 1.43
C LYS C 6 -6.54 24.42 0.01
N ILE C 7 -5.43 24.77 -0.66
CA ILE C 7 -4.93 24.03 -1.80
C ILE C 7 -3.77 23.14 -1.29
N TYR C 8 -3.74 21.92 -1.78
CA TYR C 8 -2.69 20.96 -1.49
C TYR C 8 -2.02 20.52 -2.78
N ILE C 9 -0.76 20.10 -2.68
CA ILE C 9 -0.15 19.20 -3.65
C ILE C 9 0.55 18.11 -2.85
N HIS C 10 -0.03 16.91 -2.92
CA HIS C 10 0.48 15.77 -2.16
C HIS C 10 1.62 15.11 -2.87
N ASP C 11 2.65 14.77 -2.08
CA ASP C 11 3.78 13.92 -2.48
C ASP C 11 4.34 14.12 -3.89
N MSE C 12 4.72 15.36 -4.16
CA MSE C 12 5.55 15.71 -5.32
C MSE C 12 6.89 15.02 -5.20
O MSE C 12 7.39 14.81 -4.09
CB MSE C 12 5.80 17.22 -5.39
CG MSE C 12 4.56 18.05 -5.62
SE MSE C 12 4.85 19.96 -5.14
CE MSE C 12 4.59 19.93 -3.21
N GLU C 13 7.50 14.63 -6.31
CA GLU C 13 8.75 13.85 -6.27
C GLU C 13 9.74 14.42 -7.23
N PHE C 14 10.95 14.67 -6.73
CA PHE C 14 12.02 15.16 -7.56
C PHE C 14 13.28 14.36 -7.35
N TYR C 15 14.18 14.49 -8.31
CA TYR C 15 15.54 14.07 -8.11
C TYR C 15 16.37 15.33 -7.96
N GLY C 16 17.19 15.34 -6.92
CA GLY C 16 17.94 16.54 -6.49
C GLY C 16 19.31 16.17 -5.99
N TYR C 17 20.15 17.18 -5.83
CA TYR C 17 21.56 16.97 -5.56
C TYR C 17 21.97 17.53 -4.21
N HIS C 18 20.97 17.74 -3.34
CA HIS C 18 21.13 18.60 -2.15
C HIS C 18 21.72 17.82 -0.99
N GLY C 19 22.64 18.41 -0.25
CA GLY C 19 23.11 17.75 0.96
C GLY C 19 24.28 18.38 1.67
N VAL C 20 24.47 17.94 2.90
CA VAL C 20 25.62 18.32 3.73
C VAL C 20 26.92 17.68 3.23
N PHE C 21 26.87 16.41 2.83
CA PHE C 21 28.03 15.68 2.29
C PHE C 21 28.28 15.98 0.82
N PRO C 22 29.56 16.13 0.39
CA PRO C 22 29.84 16.26 -1.05
C PRO C 22 29.55 14.97 -1.86
N GLU C 23 29.51 13.82 -1.19
CA GLU C 23 29.10 12.56 -1.82
C GLU C 23 27.63 12.63 -2.24
N GLU C 24 26.80 13.22 -1.38
CA GLU C 24 25.39 13.52 -1.72
C GLU C 24 25.25 14.44 -2.93
N ASN C 25 26.04 15.52 -2.93
CA ASN C 25 26.11 16.47 -4.03
C ASN C 25 26.35 15.77 -5.39
N LYS C 26 27.31 14.85 -5.43
CA LYS C 26 27.67 14.17 -6.68
C LYS C 26 26.61 13.14 -7.11
N LEU C 27 26.21 12.26 -6.19
CA LEU C 27 25.32 11.13 -6.52
C LEU C 27 23.86 11.52 -6.75
N GLY C 28 23.38 12.44 -5.91
CA GLY C 28 21.97 12.79 -5.84
C GLY C 28 21.11 11.79 -5.08
N GLN C 29 19.82 12.08 -4.99
CA GLN C 29 18.84 11.23 -4.33
C GLN C 29 17.41 11.72 -4.60
N ARG C 30 16.42 10.99 -4.09
CA ARG C 30 15.03 11.42 -4.15
C ARG C 30 14.74 12.51 -3.14
N PHE C 31 13.90 13.44 -3.56
CA PHE C 31 13.34 14.49 -2.69
C PHE C 31 11.89 14.63 -2.95
N LYS C 32 11.09 14.56 -1.88
CA LYS C 32 9.67 14.71 -1.99
C LYS C 32 9.21 16.00 -1.31
N VAL C 33 8.11 16.55 -1.80
CA VAL C 33 7.50 17.74 -1.15
C VAL C 33 5.99 17.54 -1.03
N ASP C 34 5.46 17.75 0.18
CA ASP C 34 4.04 18.02 0.39
C ASP C 34 3.87 19.53 0.56
N LEU C 35 2.79 20.06 0.01
CA LEU C 35 2.42 21.47 0.11
C LEU C 35 1.03 21.60 0.69
N THR C 36 0.84 22.58 1.58
CA THR C 36 -0.47 23.07 2.01
C THR C 36 -0.41 24.59 1.95
N VAL C 37 -1.28 25.22 1.15
CA VAL C 37 -1.42 26.69 1.14
C VAL C 37 -2.86 27.07 1.48
N GLU C 38 -3.01 28.14 2.27
CA GLU C 38 -4.31 28.59 2.75
C GLU C 38 -4.72 29.93 2.13
N LEU C 39 -5.99 30.03 1.76
CA LEU C 39 -6.56 31.27 1.23
C LEU C 39 -8.08 31.24 1.42
N ASP C 40 -8.83 32.04 0.66
CA ASP C 40 -10.27 31.87 0.58
C ASP C 40 -10.64 31.16 -0.72
N LEU C 41 -11.48 30.14 -0.60
CA LEU C 41 -12.03 29.43 -1.76
C LEU C 41 -13.56 29.53 -1.87
N LYS C 42 -14.19 30.35 -1.02
CA LYS C 42 -15.63 30.62 -1.09
C LYS C 42 -15.96 31.38 -2.37
N ARG C 43 -15.11 32.35 -2.72
CA ARG C 43 -15.26 33.09 -3.97
C ARG C 43 -15.07 32.19 -5.16
N ALA C 44 -13.94 31.49 -5.19
CA ALA C 44 -13.66 30.52 -6.25
C ALA C 44 -14.83 29.58 -6.43
N GLY C 45 -15.31 28.99 -5.33
CA GLY C 45 -16.40 28.01 -5.33
C GLY C 45 -17.78 28.55 -5.66
N GLU C 46 -18.05 29.81 -5.29
CA GLU C 46 -19.28 30.48 -5.73
C GLU C 46 -19.16 30.99 -7.16
N SER C 47 -17.95 31.45 -7.53
CA SER C 47 -17.56 31.65 -8.93
C SER C 47 -17.17 30.29 -9.54
N ASP C 48 -16.61 30.30 -10.75
CA ASP C 48 -15.98 29.09 -11.31
C ASP C 48 -14.89 29.53 -12.30
N ASP C 49 -14.18 30.58 -11.89
CA ASP C 49 -13.23 31.33 -12.69
C ASP C 49 -11.89 31.26 -11.95
N LEU C 50 -10.89 30.64 -12.59
CA LEU C 50 -9.57 30.43 -11.98
C LEU C 50 -8.84 31.74 -11.64
N GLU C 51 -9.13 32.80 -12.40
CA GLU C 51 -8.56 34.13 -12.13
C GLU C 51 -8.62 34.54 -10.64
N HIS C 52 -9.60 34.03 -9.88
CA HIS C 52 -9.75 34.33 -8.45
C HIS C 52 -9.21 33.29 -7.43
N SER C 53 -8.61 32.19 -7.88
CA SER C 53 -7.81 31.34 -6.99
C SER C 53 -6.39 31.23 -7.52
N VAL C 54 -5.56 30.46 -6.80
CA VAL C 54 -4.18 30.20 -7.21
C VAL C 54 -4.13 28.91 -8.05
N ASN C 55 -3.43 29.01 -9.18
CA ASN C 55 -3.33 27.95 -10.21
C ASN C 55 -2.47 26.77 -9.70
N TYR C 56 -3.05 25.56 -9.56
CA TYR C 56 -2.23 24.40 -9.09
C TYR C 56 -0.96 24.15 -9.90
N GLY C 57 -1.02 24.34 -11.22
CA GLY C 57 0.11 24.06 -12.11
C GLY C 57 1.33 24.94 -11.89
N GLU C 58 1.07 26.21 -11.54
CA GLU C 58 2.13 27.15 -11.18
C GLU C 58 2.75 26.82 -9.82
N LEU C 59 1.92 26.47 -8.84
CA LEU C 59 2.43 26.04 -7.52
C LEU C 59 3.39 24.84 -7.63
N PHE C 60 3.12 23.90 -8.54
CA PHE C 60 4.03 22.77 -8.79
C PHE C 60 5.37 23.23 -9.35
N GLU C 61 5.29 24.06 -10.40
CA GLU C 61 6.45 24.58 -11.11
C GLU C 61 7.40 25.32 -10.18
N LEU C 62 6.82 26.18 -9.36
CA LEU C 62 7.55 26.88 -8.31
C LEU C 62 8.39 25.90 -7.49
N CYS C 63 7.74 24.86 -6.96
CA CYS C 63 8.42 23.84 -6.14
C CYS C 63 9.56 23.17 -6.90
N ARG C 64 9.33 22.83 -8.17
CA ARG C 64 10.33 22.14 -9.01
C ARG C 64 11.61 22.98 -9.17
N LYS C 65 11.46 24.28 -9.44
CA LYS C 65 12.62 25.21 -9.56
C LYS C 65 13.57 25.17 -8.37
N VAL C 66 13.01 25.10 -7.18
CA VAL C 66 13.82 25.14 -5.97
C VAL C 66 14.51 23.78 -5.80
N VAL C 67 13.77 22.69 -6.02
CA VAL C 67 14.29 21.34 -5.80
C VAL C 67 15.22 20.88 -6.93
N GLU C 68 14.90 21.20 -8.20
CA GLU C 68 15.72 20.81 -9.35
C GLU C 68 16.65 21.92 -9.86
N ASP C 69 16.14 23.11 -10.12
CA ASP C 69 16.99 24.17 -10.71
C ASP C 69 18.02 24.82 -9.75
N ARG C 70 17.98 24.52 -8.45
CA ARG C 70 18.95 25.03 -7.46
C ARG C 70 19.43 23.94 -6.49
N THR C 71 20.63 24.12 -5.94
CA THR C 71 21.21 23.19 -4.95
C THR C 71 21.50 23.89 -3.61
N TYR C 72 21.19 23.18 -2.53
CA TYR C 72 21.39 23.66 -1.16
C TYR C 72 22.07 22.53 -0.40
N LYS C 73 22.54 22.83 0.80
CA LYS C 73 23.03 21.78 1.70
C LYS C 73 21.91 21.22 2.59
N LEU C 74 20.99 22.07 3.02
CA LEU C 74 19.93 21.65 3.93
C LEU C 74 18.55 21.62 3.27
N VAL C 75 17.81 20.52 3.51
CA VAL C 75 16.36 20.48 3.25
C VAL C 75 15.60 21.62 3.95
N GLU C 76 16.16 22.16 5.04
CA GLU C 76 15.65 23.40 5.65
C GLU C 76 15.68 24.61 4.70
N SER C 77 16.63 24.66 3.78
CA SER C 77 16.70 25.74 2.79
C SER C 77 15.74 25.54 1.62
N ILE C 78 15.45 24.28 1.28
CA ILE C 78 14.43 24.00 0.26
C ILE C 78 13.07 24.49 0.73
N ALA C 79 12.69 24.09 1.95
CA ALA C 79 11.42 24.45 2.55
C ALA C 79 11.26 25.96 2.64
N GLU C 80 12.32 26.63 3.11
CA GLU C 80 12.33 28.10 3.33
C GLU C 80 12.20 28.90 2.04
N ASN C 81 12.89 28.46 0.99
CA ASN C 81 12.79 29.11 -0.33
C ASN C 81 11.39 28.96 -0.92
N ILE C 82 10.92 27.72 -1.01
CA ILE C 82 9.54 27.42 -1.43
C ILE C 82 8.54 28.37 -0.77
N ALA C 83 8.55 28.39 0.57
CA ALA C 83 7.66 29.26 1.36
C ALA C 83 7.77 30.73 0.97
N THR C 84 8.99 31.20 0.73
CA THR C 84 9.26 32.60 0.39
C THR C 84 8.67 32.96 -0.97
N ASP C 85 8.97 32.16 -2.00
CA ASP C 85 8.47 32.42 -3.34
C ASP C 85 6.95 32.37 -3.40
N ILE C 86 6.36 31.40 -2.69
CA ILE C 86 4.90 31.31 -2.53
C ILE C 86 4.33 32.68 -2.09
N LEU C 87 4.54 33.04 -0.82
CA LEU C 87 3.89 34.24 -0.23
C LEU C 87 4.16 35.46 -1.10
N LYS C 88 5.44 35.68 -1.42
CA LYS C 88 5.89 36.75 -2.31
C LYS C 88 5.08 36.83 -3.63
N GLN C 89 5.17 35.78 -4.46
N GLN C 89 5.16 35.80 -4.46
CA GLN C 89 4.49 35.76 -5.76
CA GLN C 89 4.49 35.80 -5.77
C GLN C 89 2.96 35.77 -5.69
C GLN C 89 2.95 35.77 -5.70
N TYR C 90 2.40 35.25 -4.59
CA TYR C 90 0.95 35.07 -4.43
C TYR C 90 0.42 35.74 -3.18
N GLU C 91 -0.33 36.81 -3.41
N GLU C 91 -0.21 36.91 -3.34
CA GLU C 91 -0.72 37.78 -2.40
CA GLU C 91 -0.67 37.70 -2.18
C GLU C 91 -2.06 37.36 -1.76
C GLU C 91 -2.08 37.32 -1.70
N SER C 92 -2.78 36.48 -2.46
CA SER C 92 -4.06 35.92 -2.02
C SER C 92 -3.90 34.80 -0.99
N ILE C 93 -2.78 34.07 -1.04
CA ILE C 93 -2.49 33.00 -0.08
C ILE C 93 -2.00 33.62 1.21
N SER C 94 -2.68 33.25 2.31
CA SER C 94 -2.43 33.80 3.65
C SER C 94 -1.28 33.03 4.33
N ARG C 95 -1.52 31.75 4.57
CA ARG C 95 -0.61 30.86 5.31
C ARG C 95 -0.25 29.65 4.43
N CYS C 96 0.86 28.98 4.77
CA CYS C 96 1.27 27.76 4.07
C CYS C 96 2.18 26.89 4.92
N THR C 97 1.92 25.57 4.89
CA THR C 97 2.73 24.55 5.56
C THR C 97 3.41 23.68 4.49
N ILE C 98 4.74 23.54 4.60
CA ILE C 98 5.57 22.99 3.54
C ILE C 98 6.54 22.02 4.16
N LYS C 99 6.60 20.81 3.58
CA LYS C 99 7.30 19.68 4.18
C LYS C 99 8.21 19.03 3.13
N VAL C 100 9.53 19.14 3.33
CA VAL C 100 10.50 18.58 2.38
C VAL C 100 11.07 17.29 2.96
N ILE C 101 11.03 16.24 2.15
CA ILE C 101 11.17 14.85 2.61
C ILE C 101 12.37 14.21 1.90
N LYS C 102 13.19 13.52 2.68
CA LYS C 102 14.36 12.88 2.18
C LYS C 102 14.12 11.37 2.42
N PRO C 103 13.33 10.72 1.55
CA PRO C 103 13.07 9.27 1.81
C PRO C 103 14.33 8.37 1.94
N ASP C 104 15.42 8.72 1.29
CA ASP C 104 16.64 7.89 1.26
C ASP C 104 17.93 8.56 1.72
N PRO C 105 17.93 9.10 2.97
CA PRO C 105 19.16 9.76 3.35
C PRO C 105 20.23 8.75 3.69
N PRO C 106 21.50 9.17 3.64
CA PRO C 106 22.60 8.29 3.92
C PRO C 106 22.83 7.92 5.36
N ILE C 107 21.79 7.45 6.04
CA ILE C 107 21.90 7.03 7.45
C ILE C 107 21.80 5.54 7.64
N PRO C 108 22.75 4.95 8.37
CA PRO C 108 22.67 3.51 8.65
C PRO C 108 21.57 3.06 9.60
N GLY C 109 20.45 2.62 9.05
CA GLY C 109 19.38 2.05 9.83
C GLY C 109 18.14 1.86 8.99
N HIS C 110 17.04 1.56 9.68
CA HIS C 110 15.78 1.17 9.07
C HIS C 110 14.63 2.13 9.36
N TYR C 111 14.06 2.71 8.32
CA TYR C 111 13.12 3.82 8.42
C TYR C 111 12.41 4.12 7.10
N ARG C 112 11.36 4.93 7.16
CA ARG C 112 10.66 5.39 5.93
C ARG C 112 11.27 6.67 5.36
N ALA C 113 11.57 7.62 6.24
CA ALA C 113 11.91 8.98 5.80
C ALA C 113 12.23 9.89 6.96
N VAL C 114 13.10 10.86 6.69
CA VAL C 114 13.30 12.07 7.53
C VAL C 114 12.71 13.25 6.76
N ALA C 115 12.38 14.31 7.48
CA ALA C 115 11.70 15.44 6.88
C ALA C 115 11.79 16.71 7.72
N VAL C 116 11.68 17.84 7.05
CA VAL C 116 11.51 19.13 7.70
C VAL C 116 10.13 19.59 7.34
N GLU C 117 9.59 20.51 8.14
CA GLU C 117 8.32 21.14 7.86
C GLU C 117 8.30 22.50 8.53
N ILE C 118 8.02 23.52 7.71
CA ILE C 118 7.83 24.87 8.22
C ILE C 118 6.44 25.35 7.83
N THR C 119 6.01 26.40 8.52
CA THR C 119 4.71 27.04 8.33
C THR C 119 4.96 28.55 8.43
N ARG C 120 4.88 29.26 7.28
CA ARG C 120 5.19 30.70 7.20
C ARG C 120 3.93 31.57 7.02
N GLU C 121 4.02 32.83 7.48
CA GLU C 121 2.90 33.78 7.47
C GLU C 121 3.35 35.22 7.19
N ARG C 122 2.44 36.03 6.65
CA ARG C 122 2.72 37.46 6.43
C ARG C 122 2.70 38.24 7.76
N PRO C 123 3.71 39.12 7.97
CA PRO C 123 3.84 39.81 9.26
C PRO C 123 2.76 40.87 9.49
N MSE D 4 5.13 26.69 14.95
CA MSE D 4 6.40 26.05 15.45
C MSE D 4 6.85 25.00 14.47
O MSE D 4 6.10 24.07 14.14
CB MSE D 4 6.20 25.47 16.86
CG MSE D 4 6.05 26.58 17.90
SE MSE D 4 4.32 26.51 18.87
CE MSE D 4 3.39 28.02 18.01
N ASP D 5 8.07 25.15 13.96
CA ASP D 5 8.59 24.29 12.90
C ASP D 5 9.00 22.94 13.45
N LYS D 6 9.27 21.97 12.55
CA LYS D 6 9.43 20.56 12.93
C LYS D 6 10.41 19.76 12.07
N ILE D 7 11.22 18.93 12.73
CA ILE D 7 11.99 17.86 12.06
C ILE D 7 11.27 16.55 12.39
N TYR D 8 10.91 15.81 11.34
CA TYR D 8 10.30 14.48 11.50
C TYR D 8 11.32 13.40 11.24
N ILE D 9 11.19 12.26 11.91
CA ILE D 9 11.74 10.96 11.45
C ILE D 9 10.59 9.95 11.55
N HIS D 10 10.23 9.37 10.40
CA HIS D 10 9.06 8.50 10.25
C HIS D 10 9.44 7.02 10.20
N ASP D 11 8.79 6.24 11.06
CA ASP D 11 8.69 4.80 10.92
C ASP D 11 10.07 4.13 10.93
N MSE D 12 10.89 4.54 11.89
CA MSE D 12 12.11 3.83 12.24
C MSE D 12 11.70 2.44 12.66
O MSE D 12 10.68 2.27 13.31
CB MSE D 12 12.84 4.47 13.41
CG MSE D 12 13.51 5.78 13.04
SE MSE D 12 13.98 6.75 14.69
CE MSE D 12 12.29 7.74 14.93
N GLU D 13 12.48 1.44 12.25
CA GLU D 13 12.20 0.05 12.60
C GLU D 13 13.38 -0.49 13.36
N PHE D 14 13.10 -1.13 14.48
CA PHE D 14 14.12 -1.75 15.28
C PHE D 14 13.61 -3.14 15.62
N TYR D 15 14.54 -4.02 15.97
CA TYR D 15 14.22 -5.28 16.61
C TYR D 15 14.72 -5.19 18.06
N GLY D 16 13.81 -5.37 19.01
CA GLY D 16 14.13 -5.29 20.45
C GLY D 16 13.44 -6.37 21.27
N TYR D 17 13.77 -6.41 22.56
CA TYR D 17 13.28 -7.47 23.44
C TYR D 17 12.46 -6.90 24.62
N HIS D 18 11.70 -5.84 24.34
CA HIS D 18 10.92 -5.16 25.38
C HIS D 18 9.65 -5.97 25.62
N GLY D 19 9.20 -6.03 26.88
CA GLY D 19 7.96 -6.74 27.21
C GLY D 19 7.72 -7.02 28.68
N VAL D 20 6.45 -6.97 29.07
CA VAL D 20 6.03 -7.35 30.43
C VAL D 20 6.25 -8.84 30.61
N PHE D 21 5.77 -9.62 29.65
CA PHE D 21 5.92 -11.07 29.65
C PHE D 21 7.40 -11.46 29.49
N PRO D 22 7.88 -12.46 30.25
CA PRO D 22 9.27 -12.93 30.04
C PRO D 22 9.49 -13.63 28.68
N GLU D 23 8.42 -14.02 28.00
CA GLU D 23 8.51 -14.65 26.68
C GLU D 23 8.82 -13.59 25.61
N GLU D 24 8.10 -12.47 25.65
CA GLU D 24 8.44 -11.29 24.82
C GLU D 24 9.92 -10.93 24.96
N ASN D 25 10.43 -11.05 26.18
CA ASN D 25 11.84 -10.78 26.51
C ASN D 25 12.86 -11.75 25.89
N LYS D 26 12.50 -13.03 25.73
CA LYS D 26 13.44 -13.99 25.12
C LYS D 26 13.38 -13.97 23.60
N LEU D 27 12.17 -14.05 23.05
CA LEU D 27 11.97 -14.06 21.59
C LEU D 27 12.28 -12.73 20.94
N GLY D 28 11.80 -11.64 21.55
CA GLY D 28 11.84 -10.34 20.91
C GLY D 28 10.77 -10.24 19.84
N GLN D 29 10.81 -9.13 19.09
CA GLN D 29 9.80 -8.74 18.10
C GLN D 29 10.17 -7.39 17.50
N ARG D 30 9.41 -6.93 16.50
CA ARG D 30 9.62 -5.62 15.88
C ARG D 30 9.18 -4.50 16.81
N PHE D 31 9.90 -3.37 16.75
CA PHE D 31 9.45 -2.11 17.36
C PHE D 31 9.65 -0.96 16.39
N LYS D 32 8.65 -0.10 16.28
CA LYS D 32 8.69 1.02 15.36
C LYS D 32 8.62 2.32 16.15
N VAL D 33 9.34 3.34 15.71
CA VAL D 33 9.31 4.66 16.36
C VAL D 33 9.10 5.77 15.33
N ASP D 34 8.16 6.67 15.63
CA ASP D 34 7.97 7.95 14.93
C ASP D 34 8.48 9.05 15.86
N LEU D 35 9.20 10.02 15.30
CA LEU D 35 9.73 11.15 16.05
C LEU D 35 9.34 12.45 15.38
N THR D 36 8.94 13.42 16.19
CA THR D 36 8.79 14.80 15.75
C THR D 36 9.38 15.70 16.83
N VAL D 37 10.07 16.76 16.41
CA VAL D 37 10.73 17.69 17.33
C VAL D 37 10.50 19.14 16.88
N GLU D 38 10.09 20.01 17.80
CA GLU D 38 9.78 21.39 17.46
C GLU D 38 10.99 22.28 17.73
N LEU D 39 11.29 23.16 16.77
CA LEU D 39 12.32 24.18 16.94
C LEU D 39 12.24 25.19 15.81
N ASP D 40 12.91 26.32 15.98
CA ASP D 40 12.97 27.32 14.93
C ASP D 40 13.95 26.83 13.87
N LEU D 41 13.53 26.88 12.62
CA LEU D 41 14.38 26.47 11.50
C LEU D 41 14.55 27.58 10.46
N LYS D 42 14.11 28.81 10.80
CA LYS D 42 14.14 29.94 9.87
C LYS D 42 15.58 30.39 9.57
N ARG D 43 16.43 30.35 10.59
CA ARG D 43 17.84 30.71 10.46
C ARG D 43 18.60 29.61 9.68
N ALA D 44 18.33 28.35 9.99
CA ALA D 44 18.86 27.23 9.20
C ALA D 44 18.54 27.42 7.73
N GLY D 45 17.26 27.63 7.44
CA GLY D 45 16.77 27.94 6.08
C GLY D 45 17.31 29.17 5.34
N GLU D 46 17.89 30.13 6.06
CA GLU D 46 18.58 31.26 5.41
C GLU D 46 20.10 31.06 5.31
N SER D 47 20.73 30.68 6.41
CA SER D 47 22.17 30.46 6.44
C SER D 47 22.58 29.20 5.66
N ASP D 48 21.68 28.22 5.64
CA ASP D 48 21.97 26.86 5.16
C ASP D 48 23.01 26.21 6.08
N ASP D 49 22.96 26.56 7.38
CA ASP D 49 23.96 26.13 8.35
C ASP D 49 23.32 25.17 9.34
N LEU D 50 23.83 23.93 9.34
CA LEU D 50 23.35 22.83 10.19
C LEU D 50 23.50 23.08 11.70
N GLU D 51 24.48 23.89 12.09
CA GLU D 51 24.70 24.24 13.51
C GLU D 51 23.48 24.88 14.21
N HIS D 52 22.72 25.68 13.49
CA HIS D 52 21.54 26.36 14.08
C HIS D 52 20.31 25.44 14.04
N SER D 53 20.40 24.40 13.21
CA SER D 53 19.47 23.27 13.25
C SER D 53 20.07 22.10 14.05
N VAL D 54 19.59 20.89 13.77
CA VAL D 54 19.97 19.67 14.49
C VAL D 54 20.14 18.52 13.49
N ASN D 55 21.30 17.86 13.55
CA ASN D 55 21.57 16.62 12.81
C ASN D 55 20.41 15.60 12.89
N TYR D 56 19.81 15.26 11.74
CA TYR D 56 18.77 14.21 11.73
C TYR D 56 19.36 12.85 12.06
N GLY D 57 20.64 12.64 11.75
CA GLY D 57 21.31 11.35 11.98
C GLY D 57 21.52 11.06 13.44
N GLU D 58 22.08 12.03 14.16
CA GLU D 58 22.24 11.90 15.61
C GLU D 58 20.90 11.62 16.30
N LEU D 59 19.81 12.17 15.78
CA LEU D 59 18.47 11.88 16.29
C LEU D 59 18.12 10.39 16.14
N PHE D 60 18.41 9.81 14.97
CA PHE D 60 18.19 8.38 14.75
C PHE D 60 18.89 7.57 15.83
N GLU D 61 20.20 7.81 15.96
CA GLU D 61 21.04 7.13 16.93
C GLU D 61 20.52 7.22 18.36
N LEU D 62 20.06 8.40 18.76
CA LEU D 62 19.49 8.56 20.10
C LEU D 62 18.36 7.56 20.28
N CYS D 63 17.39 7.56 19.35
CA CYS D 63 16.28 6.61 19.40
C CYS D 63 16.74 5.16 19.42
N ARG D 64 17.74 4.83 18.61
CA ARG D 64 18.19 3.43 18.52
C ARG D 64 18.83 2.94 19.82
N LYS D 65 19.68 3.77 20.44
CA LYS D 65 20.22 3.47 21.78
C LYS D 65 19.16 2.91 22.72
N VAL D 66 18.00 3.55 22.75
CA VAL D 66 16.96 3.18 23.70
C VAL D 66 16.29 1.87 23.30
N VAL D 67 15.89 1.77 22.04
CA VAL D 67 15.15 0.59 21.57
C VAL D 67 16.06 -0.65 21.60
N GLU D 68 17.29 -0.51 21.13
CA GLU D 68 18.17 -1.67 20.92
C GLU D 68 19.25 -1.93 22.00
N ASP D 69 19.83 -0.89 22.58
CA ASP D 69 20.87 -1.06 23.60
C ASP D 69 20.34 -1.26 25.02
N ARG D 70 19.08 -0.91 25.26
CA ARG D 70 18.42 -1.16 26.57
C ARG D 70 17.18 -2.03 26.40
N THR D 71 16.63 -2.48 27.53
CA THR D 71 15.47 -3.40 27.56
C THR D 71 14.54 -3.11 28.76
N TYR D 72 13.40 -2.50 28.44
CA TYR D 72 12.31 -2.17 29.39
C TYR D 72 11.13 -3.14 29.30
N LYS D 73 10.33 -3.20 30.36
CA LYS D 73 9.05 -3.92 30.34
C LYS D 73 7.97 -3.20 29.53
N LEU D 74 7.97 -1.85 29.57
CA LEU D 74 6.95 -1.03 28.91
C LEU D 74 7.48 -0.17 27.76
N VAL D 75 6.61 0.07 26.78
CA VAL D 75 6.87 1.04 25.72
C VAL D 75 6.72 2.49 26.19
N GLU D 76 6.00 2.69 27.30
CA GLU D 76 5.95 4.01 27.96
C GLU D 76 7.36 4.45 28.36
N SER D 77 8.11 3.53 28.97
CA SER D 77 9.53 3.76 29.29
C SER D 77 10.39 4.10 28.06
N ILE D 78 10.13 3.46 26.92
CA ILE D 78 10.94 3.69 25.72
C ILE D 78 10.79 5.13 25.20
N ALA D 79 9.55 5.56 25.01
CA ALA D 79 9.25 6.95 24.60
C ALA D 79 9.70 8.01 25.63
N GLU D 80 9.61 7.68 26.92
CA GLU D 80 9.96 8.64 27.99
C GLU D 80 11.45 8.97 27.96
N ASN D 81 12.29 7.93 27.95
CA ASN D 81 13.74 8.12 27.85
C ASN D 81 14.17 8.84 26.57
N ILE D 82 13.48 8.54 25.46
CA ILE D 82 13.76 9.19 24.17
C ILE D 82 13.47 10.69 24.25
N ALA D 83 12.25 11.03 24.60
CA ALA D 83 11.89 12.42 24.88
C ALA D 83 12.88 13.05 25.87
N THR D 84 13.14 12.35 26.97
CA THR D 84 14.08 12.78 28.03
C THR D 84 15.48 13.08 27.49
N ASP D 85 16.03 12.14 26.71
CA ASP D 85 17.38 12.26 26.18
C ASP D 85 17.48 13.33 25.11
N ILE D 86 16.41 13.52 24.34
CA ILE D 86 16.31 14.63 23.38
C ILE D 86 16.40 15.98 24.10
N LEU D 87 15.58 16.14 25.14
CA LEU D 87 15.53 17.41 25.88
C LEU D 87 16.83 17.74 26.61
N LYS D 88 17.55 16.73 27.11
CA LYS D 88 18.85 16.92 27.77
C LYS D 88 19.92 17.48 26.82
N GLN D 89 20.18 16.72 25.75
CA GLN D 89 21.31 16.98 24.85
C GLN D 89 21.14 18.21 23.95
N TYR D 90 19.92 18.45 23.48
CA TYR D 90 19.64 19.55 22.53
C TYR D 90 18.85 20.70 23.16
N GLU D 91 19.55 21.80 23.45
CA GLU D 91 18.91 23.02 23.95
C GLU D 91 18.07 23.70 22.87
N SER D 92 18.56 23.65 21.63
CA SER D 92 17.88 24.26 20.47
C SER D 92 16.48 23.71 20.18
N ILE D 93 16.16 22.54 20.71
CA ILE D 93 14.83 21.94 20.58
C ILE D 93 13.94 22.35 21.74
N SER D 94 12.79 22.94 21.40
CA SER D 94 11.81 23.43 22.36
C SER D 94 10.91 22.32 22.92
N ARG D 95 10.34 21.52 22.02
CA ARG D 95 9.44 20.41 22.37
C ARG D 95 9.69 19.18 21.46
N CYS D 96 9.15 18.03 21.84
CA CYS D 96 9.11 16.85 20.97
C CYS D 96 7.84 16.01 21.16
N THR D 97 7.58 15.12 20.19
CA THR D 97 6.54 14.09 20.32
C THR D 97 7.11 12.76 19.82
N ILE D 98 6.93 11.70 20.62
CA ILE D 98 7.47 10.38 20.34
C ILE D 98 6.33 9.37 20.35
N LYS D 99 6.19 8.61 19.25
CA LYS D 99 5.26 7.49 19.16
C LYS D 99 6.07 6.21 19.06
N VAL D 100 5.98 5.37 20.08
CA VAL D 100 6.60 4.06 20.04
C VAL D 100 5.48 3.08 19.76
N ILE D 101 5.67 2.30 18.70
CA ILE D 101 4.67 1.44 18.12
C ILE D 101 5.11 0.00 18.39
N LYS D 102 4.13 -0.86 18.64
CA LYS D 102 4.38 -2.28 18.82
C LYS D 102 3.46 -2.98 17.83
N PRO D 103 3.97 -3.30 16.62
CA PRO D 103 3.12 -3.80 15.52
C PRO D 103 2.68 -5.25 15.60
N ASP D 104 3.41 -6.07 16.34
CA ASP D 104 3.12 -7.49 16.45
C ASP D 104 3.00 -7.96 17.90
N PRO D 105 2.23 -7.21 18.75
CA PRO D 105 2.11 -7.54 20.16
C PRO D 105 1.41 -8.86 20.35
N PRO D 106 1.63 -9.54 21.49
CA PRO D 106 1.02 -10.84 21.73
C PRO D 106 -0.45 -10.73 22.17
N ILE D 107 -1.28 -10.10 21.34
CA ILE D 107 -2.71 -9.98 21.55
C ILE D 107 -3.38 -10.96 20.59
N PRO D 108 -4.16 -11.94 21.12
CA PRO D 108 -4.84 -12.84 20.20
C PRO D 108 -6.02 -12.18 19.48
N GLY D 109 -5.72 -11.52 18.36
CA GLY D 109 -6.73 -10.86 17.55
C GLY D 109 -6.17 -10.28 16.27
N HIS D 110 -7.02 -9.54 15.56
CA HIS D 110 -6.65 -8.98 14.28
C HIS D 110 -6.59 -7.45 14.39
N TYR D 111 -5.42 -6.89 14.08
CA TYR D 111 -5.16 -5.46 14.24
C TYR D 111 -3.89 -5.10 13.49
N ARG D 112 -3.69 -3.81 13.20
CA ARG D 112 -2.42 -3.35 12.63
C ARG D 112 -1.33 -3.21 13.70
N ALA D 113 -1.61 -2.45 14.77
CA ALA D 113 -0.59 -2.12 15.77
C ALA D 113 -1.17 -1.44 17.02
N VAL D 114 -0.50 -1.64 18.16
CA VAL D 114 -0.74 -0.88 19.39
C VAL D 114 0.47 0.01 19.63
N ALA D 115 0.26 1.09 20.37
CA ALA D 115 1.25 2.18 20.43
C ALA D 115 0.99 3.14 21.60
N VAL D 116 2.03 3.88 21.98
CA VAL D 116 1.93 5.01 22.90
C VAL D 116 2.66 6.23 22.33
N GLU D 117 1.97 7.37 22.29
CA GLU D 117 2.54 8.66 21.92
C GLU D 117 2.68 9.53 23.19
N ILE D 118 3.80 10.22 23.37
CA ILE D 118 3.93 11.25 24.43
C ILE D 118 4.44 12.56 23.87
N THR D 119 4.16 13.64 24.58
CA THR D 119 4.65 14.97 24.25
C THR D 119 5.39 15.51 25.46
N ARG D 120 6.59 16.04 25.26
CA ARG D 120 7.43 16.51 26.34
C ARG D 120 8.09 17.83 25.99
N GLU D 121 7.92 18.79 26.91
CA GLU D 121 8.45 20.14 26.80
C GLU D 121 9.34 20.43 28.01
N ARG D 122 10.11 21.52 27.95
CA ARG D 122 10.94 21.98 29.07
C ARG D 122 10.28 23.20 29.74
N PRO D 123 10.81 23.63 30.91
CA PRO D 123 10.26 24.84 31.55
C PRO D 123 10.71 26.13 30.86
N MSE E 4 8.70 -27.69 -7.49
CA MSE E 4 9.15 -28.27 -6.18
C MSE E 4 8.66 -27.38 -5.06
O MSE E 4 8.24 -26.25 -5.29
CB MSE E 4 10.67 -28.40 -6.14
CG MSE E 4 11.16 -29.80 -5.78
SE MSE E 4 13.14 -29.87 -5.76
CE MSE E 4 13.53 -29.39 -7.64
N ASP E 5 8.70 -27.91 -3.84
CA ASP E 5 8.20 -27.19 -2.68
C ASP E 5 9.24 -26.15 -2.29
N LYS E 6 8.80 -25.04 -1.72
CA LYS E 6 9.69 -23.87 -1.61
C LYS E 6 9.70 -23.32 -0.22
N ILE E 7 10.86 -22.81 0.20
CA ILE E 7 10.96 -21.95 1.39
C ILE E 7 11.20 -20.53 0.86
N TYR E 8 10.51 -19.57 1.44
CA TYR E 8 10.63 -18.19 0.97
C TYR E 8 11.08 -17.33 2.11
N ILE E 9 11.96 -16.37 1.84
CA ILE E 9 12.10 -15.19 2.73
C ILE E 9 11.91 -13.94 1.87
N HIS E 10 10.81 -13.21 2.13
CA HIS E 10 10.44 -12.00 1.38
C HIS E 10 10.90 -10.68 2.02
N ASP E 11 11.54 -9.83 1.20
CA ASP E 11 11.80 -8.41 1.48
C ASP E 11 12.73 -8.17 2.67
N MSE E 12 13.91 -8.78 2.60
CA MSE E 12 14.94 -8.57 3.60
C MSE E 12 15.44 -7.18 3.41
O MSE E 12 15.58 -6.74 2.27
CB MSE E 12 16.03 -9.62 3.51
CG MSE E 12 15.51 -10.94 4.08
SE MSE E 12 16.86 -12.38 3.89
CE MSE E 12 16.31 -12.88 2.07
N GLU E 13 15.64 -6.42 4.48
CA GLU E 13 16.15 -5.06 4.34
C GLU E 13 17.44 -4.91 5.11
N PHE E 14 18.45 -4.44 4.39
CA PHE E 14 19.79 -4.25 4.89
C PHE E 14 20.25 -2.86 4.49
N TYR E 15 21.17 -2.31 5.25
CA TYR E 15 21.84 -1.09 4.84
C TYR E 15 23.22 -1.54 4.53
N GLY E 16 23.70 -1.21 3.34
CA GLY E 16 24.98 -1.70 2.86
C GLY E 16 25.75 -0.64 2.14
N TYR E 17 26.94 -1.02 1.68
CA TYR E 17 27.90 -0.08 1.09
C TYR E 17 28.32 -0.47 -0.33
N HIS E 18 27.55 -1.35 -0.95
CA HIS E 18 27.86 -1.87 -2.29
C HIS E 18 27.67 -0.79 -3.36
N GLY E 19 28.31 -0.96 -4.51
CA GLY E 19 28.16 -0.05 -5.65
C GLY E 19 29.46 0.18 -6.40
N VAL E 20 29.37 0.71 -7.61
CA VAL E 20 30.54 0.98 -8.46
C VAL E 20 31.19 2.32 -8.15
N PHE E 21 30.38 3.34 -7.92
CA PHE E 21 30.91 4.67 -7.64
C PHE E 21 31.63 4.65 -6.27
N PRO E 22 32.82 5.28 -6.19
CA PRO E 22 33.46 5.45 -4.89
C PRO E 22 32.54 6.04 -3.83
N GLU E 23 31.62 6.91 -4.25
CA GLU E 23 30.72 7.61 -3.33
C GLU E 23 29.61 6.72 -2.73
N GLU E 24 29.22 5.65 -3.44
CA GLU E 24 28.20 4.71 -2.91
C GLU E 24 28.78 3.91 -1.79
N ASN E 25 30.04 3.49 -1.97
CA ASN E 25 30.82 2.91 -0.87
C ASN E 25 30.80 3.82 0.42
N LYS E 26 30.97 5.11 0.28
CA LYS E 26 31.03 6.00 1.50
C LYS E 26 29.68 6.14 2.22
N LEU E 27 28.69 6.68 1.53
CA LEU E 27 27.34 6.88 2.09
C LEU E 27 26.55 5.62 2.48
N GLY E 28 26.68 4.57 1.65
CA GLY E 28 25.84 3.43 1.75
C GLY E 28 24.44 3.69 1.24
N GLN E 29 23.60 2.64 1.27
CA GLN E 29 22.21 2.67 0.81
C GLN E 29 21.40 1.41 1.27
N ARG E 30 20.07 1.43 1.08
CA ARG E 30 19.26 0.24 1.33
C ARG E 30 19.55 -0.79 0.21
N PHE E 31 19.44 -2.04 0.60
CA PHE E 31 19.58 -3.21 -0.28
C PHE E 31 18.54 -4.19 0.17
N LYS E 32 17.68 -4.65 -0.76
CA LYS E 32 16.66 -5.61 -0.45
C LYS E 32 16.98 -7.00 -1.05
N VAL E 33 16.66 -8.06 -0.31
CA VAL E 33 16.83 -9.46 -0.84
C VAL E 33 15.53 -10.23 -0.73
N ASP E 34 15.12 -10.88 -1.85
CA ASP E 34 14.11 -11.95 -1.84
C ASP E 34 14.80 -13.26 -2.10
N LEU E 35 14.52 -14.21 -1.20
CA LEU E 35 15.12 -15.52 -1.21
C LEU E 35 13.99 -16.49 -1.50
N THR E 36 14.26 -17.41 -2.42
CA THR E 36 13.44 -18.59 -2.66
C THR E 36 14.41 -19.78 -2.79
N VAL E 37 14.21 -20.84 -2.00
CA VAL E 37 14.96 -22.12 -2.16
C VAL E 37 14.00 -23.29 -2.40
N GLU E 38 14.47 -24.29 -3.15
CA GLU E 38 13.69 -25.46 -3.56
C GLU E 38 14.18 -26.72 -2.81
N LEU E 39 13.25 -27.49 -2.26
CA LEU E 39 13.56 -28.69 -1.48
C LEU E 39 12.29 -29.48 -1.24
N ASP E 40 12.46 -30.77 -0.93
N ASP E 40 12.44 -30.76 -0.91
CA ASP E 40 11.36 -31.64 -0.54
CA ASP E 40 11.30 -31.62 -0.61
C ASP E 40 10.92 -31.23 0.86
C ASP E 40 10.85 -31.40 0.84
N LEU E 41 9.67 -30.80 1.01
CA LEU E 41 9.10 -30.50 2.32
C LEU E 41 8.09 -31.54 2.83
N LYS E 42 7.86 -32.62 2.07
CA LYS E 42 6.90 -33.64 2.48
C LYS E 42 7.26 -34.28 3.83
N ARG E 43 8.50 -34.74 3.95
CA ARG E 43 9.00 -35.40 5.16
C ARG E 43 8.81 -34.50 6.38
N ALA E 44 9.33 -33.29 6.31
CA ALA E 44 9.08 -32.26 7.33
C ALA E 44 7.59 -32.13 7.63
N GLY E 45 6.78 -32.08 6.57
CA GLY E 45 5.33 -32.01 6.66
C GLY E 45 4.65 -33.08 7.50
N GLU E 46 5.10 -34.32 7.35
N GLU E 46 5.07 -34.34 7.31
CA GLU E 46 4.51 -35.46 8.04
CA GLU E 46 4.49 -35.47 8.05
C GLU E 46 5.17 -35.71 9.39
C GLU E 46 5.17 -35.71 9.39
N SER E 47 6.50 -35.57 9.43
CA SER E 47 7.28 -35.78 10.65
C SER E 47 7.11 -34.62 11.63
N ASP E 48 6.85 -33.41 11.13
CA ASP E 48 6.86 -32.19 11.94
C ASP E 48 8.24 -32.01 12.61
N ASP E 49 9.29 -32.33 11.86
CA ASP E 49 10.66 -32.34 12.36
C ASP E 49 11.52 -31.40 11.53
N LEU E 50 11.95 -30.30 12.17
CA LEU E 50 12.78 -29.24 11.55
C LEU E 50 14.11 -29.72 10.96
N GLU E 51 14.69 -30.78 11.52
CA GLU E 51 15.93 -31.36 10.95
C GLU E 51 15.73 -32.04 9.57
N HIS E 52 14.49 -32.33 9.17
CA HIS E 52 14.19 -32.79 7.81
C HIS E 52 13.81 -31.66 6.84
N SER E 53 13.82 -30.42 7.34
CA SER E 53 13.71 -29.23 6.54
C SER E 53 14.96 -28.40 6.75
N VAL E 54 14.92 -27.14 6.31
CA VAL E 54 16.07 -26.27 6.41
C VAL E 54 15.64 -24.93 7.05
N ASN E 55 16.24 -24.65 8.21
CA ASN E 55 15.96 -23.54 9.14
C ASN E 55 15.86 -22.15 8.50
N TYR E 56 14.66 -21.59 8.38
CA TYR E 56 14.54 -20.24 7.78
C TYR E 56 15.44 -19.19 8.47
N GLY E 57 15.68 -19.30 9.78
CA GLY E 57 16.56 -18.35 10.50
C GLY E 57 18.01 -18.37 10.03
N GLU E 58 18.52 -19.58 9.80
CA GLU E 58 19.84 -19.74 9.21
C GLU E 58 19.93 -19.18 7.80
N LEU E 59 18.86 -19.26 7.03
CA LEU E 59 18.81 -18.59 5.72
C LEU E 59 18.89 -17.05 5.79
N PHE E 60 18.11 -16.39 6.66
CA PHE E 60 18.19 -14.89 6.79
C PHE E 60 19.59 -14.45 7.13
N GLU E 61 20.13 -15.06 8.19
CA GLU E 61 21.48 -14.84 8.65
C GLU E 61 22.55 -15.10 7.58
N LEU E 62 22.35 -16.15 6.79
CA LEU E 62 23.27 -16.43 5.72
C LEU E 62 23.20 -15.25 4.75
N CYS E 63 21.99 -14.81 4.45
CA CYS E 63 21.79 -13.62 3.61
C CYS E 63 22.37 -12.33 4.14
N ARG E 64 22.24 -12.12 5.44
CA ARG E 64 22.77 -10.91 6.07
C ARG E 64 24.31 -10.84 6.03
N LYS E 65 25.00 -11.96 6.19
CA LYS E 65 26.48 -11.95 6.16
C LYS E 65 27.01 -11.36 4.87
N VAL E 66 26.31 -11.63 3.78
CA VAL E 66 26.80 -11.24 2.49
C VAL E 66 26.58 -9.77 2.20
N VAL E 67 25.39 -9.29 2.50
CA VAL E 67 25.04 -7.89 2.23
C VAL E 67 25.64 -6.91 3.25
N GLU E 68 25.76 -7.36 4.48
CA GLU E 68 26.18 -6.48 5.60
C GLU E 68 27.67 -6.65 5.93
N ASP E 69 28.18 -7.89 5.97
CA ASP E 69 29.57 -8.07 6.43
C ASP E 69 30.59 -8.06 5.31
N ARG E 70 30.20 -7.58 4.15
CA ARG E 70 31.04 -7.61 2.96
C ARG E 70 30.64 -6.47 2.08
N THR E 71 31.54 -6.08 1.16
CA THR E 71 31.29 -5.03 0.21
C THR E 71 31.81 -5.33 -1.22
N TYR E 72 30.90 -5.30 -2.20
CA TYR E 72 31.16 -5.64 -3.61
C TYR E 72 30.75 -4.47 -4.50
N LYS E 73 31.33 -4.33 -5.70
CA LYS E 73 30.84 -3.35 -6.71
C LYS E 73 29.41 -3.59 -7.19
N LEU E 74 29.12 -4.85 -7.50
CA LEU E 74 27.90 -5.27 -8.18
C LEU E 74 26.90 -5.97 -7.27
N VAL E 75 25.62 -5.64 -7.43
CA VAL E 75 24.53 -6.43 -6.87
C VAL E 75 24.53 -7.89 -7.44
N GLU E 76 25.01 -8.06 -8.66
CA GLU E 76 25.26 -9.42 -9.23
C GLU E 76 26.08 -10.28 -8.27
N SER E 77 27.23 -9.77 -7.79
CA SER E 77 28.09 -10.57 -6.89
C SER E 77 27.48 -10.84 -5.54
N ILE E 78 26.60 -9.94 -5.07
CA ILE E 78 25.78 -10.23 -3.89
C ILE E 78 24.84 -11.38 -4.16
N ALA E 79 24.15 -11.35 -5.28
CA ALA E 79 23.21 -12.42 -5.58
C ALA E 79 23.98 -13.78 -5.70
N GLU E 80 25.05 -13.76 -6.49
CA GLU E 80 25.87 -14.99 -6.76
C GLU E 80 26.51 -15.56 -5.50
N ASN E 81 26.95 -14.69 -4.58
CA ASN E 81 27.50 -15.22 -3.35
C ASN E 81 26.47 -15.87 -2.44
N ILE E 82 25.27 -15.29 -2.36
CA ILE E 82 24.16 -15.90 -1.61
C ILE E 82 23.82 -17.26 -2.21
N ALA E 83 23.63 -17.34 -3.53
CA ALA E 83 23.38 -18.64 -4.20
C ALA E 83 24.37 -19.69 -3.75
N THR E 84 25.66 -19.39 -3.83
CA THR E 84 26.72 -20.36 -3.53
C THR E 84 26.69 -20.82 -2.09
N ASP E 85 26.68 -19.85 -1.17
CA ASP E 85 26.64 -20.15 0.24
C ASP E 85 25.50 -21.11 0.55
N ILE E 86 24.29 -20.81 0.03
CA ILE E 86 23.12 -21.68 0.19
C ILE E 86 23.43 -23.14 -0.23
N LEU E 87 23.91 -23.31 -1.45
CA LEU E 87 24.06 -24.68 -2.00
C LEU E 87 25.22 -25.41 -1.32
N LYS E 88 26.37 -24.77 -1.22
CA LYS E 88 27.48 -25.27 -0.40
C LYS E 88 27.01 -25.71 1.00
N GLN E 89 26.18 -24.89 1.65
CA GLN E 89 25.72 -25.15 3.01
C GLN E 89 24.52 -26.09 3.13
N TYR E 90 23.66 -26.20 2.11
CA TYR E 90 22.43 -27.03 2.21
C TYR E 90 22.29 -28.08 1.12
N GLU E 91 22.82 -29.26 1.42
CA GLU E 91 22.74 -30.46 0.56
C GLU E 91 21.32 -30.78 0.11
N SER E 92 20.36 -30.63 1.03
CA SER E 92 18.95 -30.90 0.76
C SER E 92 18.33 -29.93 -0.24
N ILE E 93 18.82 -28.67 -0.23
CA ILE E 93 18.33 -27.65 -1.16
C ILE E 93 18.90 -27.95 -2.55
N SER E 94 18.03 -28.07 -3.54
CA SER E 94 18.39 -28.45 -4.92
C SER E 94 18.63 -27.27 -5.86
N ARG E 95 17.94 -26.16 -5.61
CA ARG E 95 18.00 -24.97 -6.46
C ARG E 95 17.52 -23.76 -5.63
N CYS E 96 18.02 -22.57 -5.95
CA CYS E 96 17.62 -21.35 -5.25
C CYS E 96 17.46 -20.23 -6.25
N THR E 97 16.65 -19.24 -5.89
CA THR E 97 16.47 -18.05 -6.68
C THR E 97 16.67 -16.79 -5.78
N ILE E 98 17.67 -15.97 -6.14
CA ILE E 98 18.06 -14.85 -5.31
C ILE E 98 17.79 -13.60 -6.11
N LYS E 99 17.03 -12.68 -5.53
CA LYS E 99 16.80 -11.42 -6.14
C LYS E 99 17.42 -10.38 -5.21
N VAL E 100 18.35 -9.60 -5.75
CA VAL E 100 18.93 -8.46 -5.03
C VAL E 100 18.26 -7.22 -5.64
N ILE E 101 17.95 -6.23 -4.81
CA ILE E 101 17.12 -5.08 -5.15
C ILE E 101 17.81 -3.84 -4.52
N LYS E 102 18.05 -2.81 -5.33
CA LYS E 102 18.68 -1.53 -4.92
C LYS E 102 17.51 -0.57 -5.08
N PRO E 103 16.79 -0.33 -4.02
CA PRO E 103 15.62 0.52 -4.17
C PRO E 103 15.96 2.06 -4.28
N ASP E 104 17.20 2.46 -3.99
CA ASP E 104 17.60 3.86 -3.98
C ASP E 104 18.90 4.08 -4.71
N PRO E 105 18.93 3.73 -6.02
CA PRO E 105 20.16 3.92 -6.78
C PRO E 105 20.37 5.36 -7.25
N PRO E 106 21.62 5.71 -7.60
CA PRO E 106 21.90 7.06 -8.10
C PRO E 106 21.58 7.31 -9.59
N ILE E 107 20.41 6.85 -10.05
CA ILE E 107 19.88 7.16 -11.37
C ILE E 107 18.88 8.33 -11.28
N PRO E 108 19.21 9.48 -11.92
CA PRO E 108 18.26 10.62 -11.94
C PRO E 108 17.00 10.31 -12.76
N GLY E 109 15.89 10.10 -12.05
CA GLY E 109 14.67 9.65 -12.67
C GLY E 109 13.65 9.26 -11.63
N HIS E 110 12.64 8.53 -12.09
CA HIS E 110 11.48 8.14 -11.29
C HIS E 110 11.11 6.65 -11.55
N TYR E 111 11.18 5.86 -10.48
CA TYR E 111 11.10 4.39 -10.53
C TYR E 111 10.92 3.87 -9.11
N ARG E 112 10.49 2.61 -8.96
CA ARG E 112 10.52 1.97 -7.64
C ARG E 112 11.88 1.36 -7.33
N ALA E 113 12.48 0.60 -8.25
CA ALA E 113 13.74 -0.07 -7.99
C ALA E 113 14.35 -0.71 -9.23
N VAL E 114 15.60 -1.08 -9.08
CA VAL E 114 16.31 -1.94 -10.03
C VAL E 114 16.65 -3.18 -9.24
N ALA E 115 16.83 -4.29 -9.96
CA ALA E 115 17.14 -5.52 -9.33
C ALA E 115 17.81 -6.56 -10.23
N VAL E 116 18.60 -7.40 -9.60
CA VAL E 116 19.15 -8.61 -10.25
C VAL E 116 18.48 -9.76 -9.57
N GLU E 117 18.32 -10.85 -10.33
CA GLU E 117 17.69 -12.06 -9.90
C GLU E 117 18.40 -13.24 -10.63
N ILE E 118 18.86 -14.23 -9.86
CA ILE E 118 19.46 -15.43 -10.43
C ILE E 118 18.81 -16.68 -9.90
N THR E 119 18.95 -17.76 -10.67
CA THR E 119 18.54 -19.09 -10.28
C THR E 119 19.79 -19.99 -10.43
N ARG E 120 20.12 -20.76 -9.40
CA ARG E 120 21.36 -21.53 -9.37
C ARG E 120 21.12 -22.94 -8.95
N GLU E 121 21.92 -23.85 -9.53
CA GLU E 121 21.87 -25.27 -9.21
C GLU E 121 23.18 -25.95 -9.65
N ARG E 122 23.29 -27.25 -9.37
CA ARG E 122 24.50 -28.03 -9.62
C ARG E 122 24.41 -28.80 -10.93
N MSE F 4 17.24 -18.38 -17.38
CA MSE F 4 18.23 -17.26 -17.51
C MSE F 4 18.07 -16.23 -16.40
O MSE F 4 16.99 -16.07 -15.80
CB MSE F 4 18.05 -16.55 -18.84
CG MSE F 4 18.76 -17.26 -19.98
SE MSE F 4 19.07 -15.95 -21.42
CE MSE F 4 19.14 -17.30 -22.85
N ASP F 5 19.17 -15.51 -16.17
CA ASP F 5 19.27 -14.52 -15.09
C ASP F 5 18.63 -13.23 -15.60
N LYS F 6 18.38 -12.29 -14.68
CA LYS F 6 17.55 -11.14 -14.98
C LYS F 6 18.05 -9.84 -14.41
N ILE F 7 18.05 -8.77 -15.24
CA ILE F 7 18.05 -7.39 -14.72
C ILE F 7 16.63 -6.89 -14.84
N TYR F 8 16.19 -6.23 -13.78
CA TYR F 8 14.88 -5.65 -13.65
C TYR F 8 15.04 -4.19 -13.33
N ILE F 9 14.25 -3.35 -14.01
CA ILE F 9 13.87 -2.02 -13.52
C ILE F 9 12.35 -2.06 -13.40
N HIS F 10 11.82 -1.75 -12.20
CA HIS F 10 10.40 -1.80 -11.90
C HIS F 10 9.81 -0.41 -11.68
N ASP F 11 8.65 -0.22 -12.31
CA ASP F 11 7.67 0.87 -12.13
C ASP F 11 8.32 2.22 -12.37
N MSE F 12 8.88 2.34 -13.56
CA MSE F 12 9.42 3.60 -14.06
C MSE F 12 8.26 4.49 -14.36
O MSE F 12 7.29 4.05 -14.99
CB MSE F 12 10.23 3.45 -15.31
CG MSE F 12 11.54 2.72 -15.02
SE MSE F 12 12.51 2.37 -16.71
CE MSE F 12 11.77 0.56 -16.82
N GLU F 13 8.32 5.73 -13.90
CA GLU F 13 7.23 6.66 -14.09
C GLU F 13 7.72 7.78 -14.97
N PHE F 14 6.98 8.02 -16.05
CA PHE F 14 7.21 9.15 -16.92
C PHE F 14 5.95 9.96 -17.07
N TYR F 15 6.11 11.09 -17.71
CA TYR F 15 5.00 11.82 -18.24
C TYR F 15 5.21 11.83 -19.72
N GLY F 16 4.16 11.54 -20.47
CA GLY F 16 4.26 11.47 -21.91
C GLY F 16 3.00 12.00 -22.56
N TYR F 17 3.06 12.16 -23.87
CA TYR F 17 1.99 12.79 -24.65
C TYR F 17 1.39 11.82 -25.66
N HIS F 18 1.48 10.53 -25.34
CA HIS F 18 1.11 9.48 -26.28
C HIS F 18 -0.39 9.31 -26.19
N GLY F 19 -1.02 9.03 -27.32
CA GLY F 19 -2.46 8.76 -27.37
C GLY F 19 -3.07 8.89 -28.75
N VAL F 20 -4.24 8.27 -28.92
CA VAL F 20 -4.95 8.28 -30.20
C VAL F 20 -5.68 9.61 -30.37
N PHE F 21 -6.48 9.96 -29.36
CA PHE F 21 -7.23 11.22 -29.38
C PHE F 21 -6.20 12.37 -29.41
N PRO F 22 -6.51 13.48 -30.11
CA PRO F 22 -5.59 14.63 -30.04
C PRO F 22 -5.57 15.31 -28.66
N GLU F 23 -6.60 15.10 -27.86
CA GLU F 23 -6.65 15.71 -26.53
C GLU F 23 -5.68 15.04 -25.54
N GLU F 24 -5.39 13.75 -25.72
CA GLU F 24 -4.33 13.11 -24.93
C GLU F 24 -2.97 13.73 -25.27
N ASN F 25 -2.72 13.92 -26.56
CA ASN F 25 -1.46 14.52 -27.05
C ASN F 25 -1.21 15.91 -26.52
N LYS F 26 -2.28 16.68 -26.38
CA LYS F 26 -2.20 18.01 -25.83
C LYS F 26 -1.91 17.98 -24.34
N LEU F 27 -2.73 17.25 -23.60
CA LEU F 27 -2.68 17.23 -22.14
C LEU F 27 -1.56 16.39 -21.55
N GLY F 28 -1.32 15.22 -22.15
CA GLY F 28 -0.38 14.26 -21.60
C GLY F 28 -0.97 13.50 -20.43
N GLN F 29 -0.17 12.60 -19.85
CA GLN F 29 -0.59 11.68 -18.79
C GLN F 29 0.56 10.79 -18.31
N ARG F 30 0.34 10.12 -17.18
CA ARG F 30 1.34 9.22 -16.64
C ARG F 30 1.50 7.98 -17.55
N PHE F 31 2.75 7.57 -17.70
CA PHE F 31 3.11 6.31 -18.36
C PHE F 31 4.06 5.64 -17.45
N LYS F 32 3.76 4.40 -17.10
CA LYS F 32 4.74 3.59 -16.40
C LYS F 32 5.37 2.52 -17.32
N VAL F 33 6.58 2.10 -16.96
CA VAL F 33 7.28 0.95 -17.60
C VAL F 33 7.92 0.00 -16.58
N ASP F 34 7.62 -1.28 -16.73
CA ASP F 34 8.38 -2.34 -16.08
C ASP F 34 9.30 -3.01 -17.10
N LEU F 35 10.59 -3.10 -16.77
CA LEU F 35 11.56 -3.65 -17.68
C LEU F 35 12.13 -4.94 -17.11
N THR F 36 12.35 -5.91 -18.02
CA THR F 36 13.01 -7.18 -17.70
C THR F 36 13.89 -7.54 -18.91
N VAL F 37 15.20 -7.66 -18.68
CA VAL F 37 16.10 -8.24 -19.71
C VAL F 37 16.68 -9.51 -19.14
N GLU F 38 17.03 -10.43 -20.05
CA GLU F 38 17.52 -11.78 -19.76
C GLU F 38 18.90 -11.96 -20.39
N LEU F 39 19.84 -12.46 -19.58
CA LEU F 39 21.25 -12.52 -19.95
C LEU F 39 21.97 -13.38 -18.95
N ASP F 40 23.20 -13.75 -19.28
CA ASP F 40 24.08 -14.42 -18.33
C ASP F 40 24.70 -13.40 -17.34
N LEU F 41 24.40 -13.56 -16.06
CA LEU F 41 25.07 -12.80 -14.98
C LEU F 41 26.09 -13.66 -14.22
N LYS F 42 26.37 -14.90 -14.68
CA LYS F 42 27.31 -15.78 -13.94
C LYS F 42 28.74 -15.21 -13.90
N ARG F 43 29.14 -14.56 -15.00
CA ARG F 43 30.46 -13.94 -15.11
C ARG F 43 30.56 -12.67 -14.20
N ALA F 44 29.65 -11.71 -14.41
CA ALA F 44 29.54 -10.49 -13.57
C ALA F 44 29.61 -10.88 -12.11
N GLY F 45 28.59 -11.59 -11.62
CA GLY F 45 28.57 -12.17 -10.28
C GLY F 45 29.86 -12.75 -9.71
N GLU F 46 30.72 -13.28 -10.59
CA GLU F 46 32.01 -13.86 -10.22
C GLU F 46 33.21 -12.94 -10.36
N SER F 47 33.23 -12.05 -11.36
CA SER F 47 34.34 -11.10 -11.54
C SER F 47 34.12 -9.76 -10.76
N ASP F 48 32.85 -9.44 -10.48
CA ASP F 48 32.42 -8.14 -9.88
C ASP F 48 32.73 -6.97 -10.86
N ASP F 49 32.93 -7.30 -12.13
CA ASP F 49 33.30 -6.34 -13.17
C ASP F 49 32.06 -6.03 -13.97
N LEU F 50 31.58 -4.80 -13.80
CA LEU F 50 30.40 -4.29 -14.50
C LEU F 50 30.43 -4.52 -16.01
N GLU F 51 31.60 -4.37 -16.62
CA GLU F 51 31.72 -4.58 -18.06
C GLU F 51 31.41 -6.02 -18.54
N HIS F 52 31.07 -6.93 -17.63
CA HIS F 52 30.53 -8.26 -17.98
C HIS F 52 29.00 -8.37 -17.88
N SER F 53 28.35 -7.32 -17.38
CA SER F 53 26.89 -7.20 -17.36
C SER F 53 26.46 -5.99 -18.22
N VAL F 54 25.22 -5.51 -18.01
CA VAL F 54 24.67 -4.32 -18.65
C VAL F 54 24.41 -3.20 -17.60
N ASN F 55 24.79 -1.97 -17.91
CA ASN F 55 24.56 -0.79 -17.06
C ASN F 55 23.07 -0.64 -16.87
N TYR F 56 22.57 -0.91 -15.66
CA TYR F 56 21.15 -0.69 -15.37
C TYR F 56 20.76 0.78 -15.64
N GLY F 57 21.71 1.71 -15.60
CA GLY F 57 21.44 3.13 -15.85
C GLY F 57 21.16 3.47 -17.30
N GLU F 58 21.85 2.79 -18.21
CA GLU F 58 21.60 2.96 -19.62
C GLU F 58 20.31 2.27 -20.05
N LEU F 59 19.81 1.31 -19.27
CA LEU F 59 18.45 0.77 -19.49
C LEU F 59 17.41 1.85 -19.11
N PHE F 60 17.52 2.47 -17.92
CA PHE F 60 16.53 3.50 -17.54
C PHE F 60 16.39 4.58 -18.61
N GLU F 61 17.53 5.06 -19.13
CA GLU F 61 17.58 6.10 -20.16
C GLU F 61 16.99 5.75 -21.51
N LEU F 62 17.34 4.58 -22.02
CA LEU F 62 16.77 4.04 -23.22
C LEU F 62 15.24 4.03 -23.12
N CYS F 63 14.72 3.53 -22.00
CA CYS F 63 13.27 3.58 -21.74
C CYS F 63 12.73 4.99 -21.70
N ARG F 64 13.46 5.88 -21.05
CA ARG F 64 13.04 7.30 -20.95
C ARG F 64 13.00 7.98 -22.31
N LYS F 65 14.02 7.74 -23.16
CA LYS F 65 14.06 8.36 -24.50
C LYS F 65 12.77 8.08 -25.27
N VAL F 66 12.38 6.81 -25.34
CA VAL F 66 11.22 6.44 -26.15
C VAL F 66 9.90 6.94 -25.57
N VAL F 67 9.79 7.00 -24.24
CA VAL F 67 8.55 7.45 -23.59
C VAL F 67 8.49 8.98 -23.53
N GLU F 68 9.59 9.63 -23.14
CA GLU F 68 9.59 11.10 -22.97
C GLU F 68 9.95 11.88 -24.24
N ASP F 69 10.95 11.40 -24.98
CA ASP F 69 11.47 12.16 -26.13
C ASP F 69 10.79 11.86 -27.45
N ARG F 70 9.73 11.06 -27.41
CA ARG F 70 8.99 10.67 -28.58
C ARG F 70 7.52 10.56 -28.20
N THR F 71 6.65 10.66 -29.21
CA THR F 71 5.21 10.54 -29.04
C THR F 71 4.64 9.58 -30.10
N TYR F 72 3.78 8.67 -29.66
CA TYR F 72 3.18 7.64 -30.51
C TYR F 72 1.69 7.62 -30.24
N LYS F 73 0.92 7.07 -31.16
CA LYS F 73 -0.49 6.80 -30.92
C LYS F 73 -0.67 5.66 -29.94
N LEU F 74 0.20 4.67 -30.03
CA LEU F 74 -0.01 3.45 -29.28
C LEU F 74 1.06 3.23 -28.23
N VAL F 75 0.63 2.72 -27.08
CA VAL F 75 1.53 2.17 -26.07
C VAL F 75 2.21 0.91 -26.58
N GLU F 76 1.53 0.18 -27.44
CA GLU F 76 2.17 -0.91 -28.23
C GLU F 76 3.45 -0.43 -28.95
N SER F 77 3.43 0.78 -29.50
CA SER F 77 4.63 1.33 -30.19
C SER F 77 5.71 1.70 -29.19
N ILE F 78 5.32 2.05 -27.97
CA ILE F 78 6.28 2.30 -26.90
C ILE F 78 7.00 1.01 -26.56
N ALA F 79 6.24 -0.06 -26.35
CA ALA F 79 6.81 -1.35 -25.98
C ALA F 79 7.72 -1.93 -27.06
N GLU F 80 7.29 -1.87 -28.32
CA GLU F 80 8.10 -2.44 -29.42
C GLU F 80 9.38 -1.61 -29.67
N ASN F 81 9.30 -0.29 -29.59
CA ASN F 81 10.49 0.54 -29.74
C ASN F 81 11.51 0.38 -28.60
N ILE F 82 11.07 0.13 -27.36
CA ILE F 82 12.01 -0.18 -26.26
C ILE F 82 12.69 -1.53 -26.54
N ALA F 83 11.89 -2.54 -26.84
CA ALA F 83 12.39 -3.90 -27.12
C ALA F 83 13.42 -3.94 -28.25
N THR F 84 13.11 -3.27 -29.36
CA THR F 84 14.01 -3.28 -30.53
C THR F 84 15.37 -2.65 -30.18
N ASP F 85 15.34 -1.52 -29.47
CA ASP F 85 16.55 -0.78 -29.15
C ASP F 85 17.44 -1.45 -28.11
N ILE F 86 16.85 -2.34 -27.30
CA ILE F 86 17.58 -3.09 -26.29
C ILE F 86 18.38 -4.23 -26.94
N LEU F 87 17.71 -5.11 -27.67
CA LEU F 87 18.41 -6.21 -28.34
C LEU F 87 19.39 -5.68 -29.42
N LYS F 88 19.07 -4.54 -30.04
CA LYS F 88 19.96 -3.84 -30.97
C LYS F 88 21.29 -3.42 -30.32
N GLN F 89 21.21 -2.58 -29.29
CA GLN F 89 22.41 -2.07 -28.62
C GLN F 89 23.20 -3.16 -27.87
N TYR F 90 22.52 -3.90 -27.01
CA TYR F 90 23.18 -4.83 -26.07
C TYR F 90 23.18 -6.28 -26.52
N GLU F 91 24.32 -6.71 -27.10
N GLU F 91 24.31 -6.72 -27.08
CA GLU F 91 24.49 -8.05 -27.66
CA GLU F 91 24.43 -8.06 -27.69
C GLU F 91 24.34 -9.18 -26.65
C GLU F 91 24.35 -9.20 -26.66
N SER F 92 24.62 -8.90 -25.38
CA SER F 92 24.61 -9.88 -24.29
C SER F 92 23.22 -10.30 -23.83
N ILE F 93 22.21 -9.47 -24.11
CA ILE F 93 20.83 -9.72 -23.72
C ILE F 93 20.20 -10.56 -24.84
N SER F 94 19.60 -11.69 -24.46
CA SER F 94 19.04 -12.69 -25.39
C SER F 94 17.53 -12.57 -25.58
N ARG F 95 16.89 -11.79 -24.69
CA ARG F 95 15.45 -11.74 -24.57
C ARG F 95 15.09 -10.57 -23.65
N CYS F 96 14.00 -9.89 -23.95
CA CYS F 96 13.47 -8.90 -23.02
C CYS F 96 11.96 -8.98 -22.96
N THR F 97 11.41 -8.49 -21.84
CA THR F 97 9.99 -8.39 -21.64
C THR F 97 9.72 -6.94 -21.19
N ILE F 98 8.95 -6.21 -21.97
CA ILE F 98 8.68 -4.81 -21.68
C ILE F 98 7.18 -4.66 -21.45
N LYS F 99 6.80 -3.96 -20.36
CA LYS F 99 5.41 -3.70 -20.02
C LYS F 99 5.19 -2.17 -19.93
N VAL F 100 4.28 -1.66 -20.76
CA VAL F 100 3.94 -0.22 -20.77
C VAL F 100 2.54 -0.12 -20.17
N ILE F 101 2.42 0.75 -19.17
CA ILE F 101 1.25 0.92 -18.36
C ILE F 101 0.71 2.35 -18.58
N LYS F 102 -0.60 2.47 -18.76
CA LYS F 102 -1.32 3.75 -18.74
C LYS F 102 -2.19 3.66 -17.51
N PRO F 103 -1.73 4.21 -16.37
CA PRO F 103 -2.58 4.22 -15.15
C PRO F 103 -3.82 5.15 -15.20
N ASP F 104 -3.84 6.10 -16.12
CA ASP F 104 -4.81 7.19 -16.13
C ASP F 104 -5.46 7.40 -17.49
N PRO F 105 -5.80 6.31 -18.22
CA PRO F 105 -6.35 6.57 -19.55
C PRO F 105 -7.70 7.28 -19.47
N PRO F 106 -8.24 7.73 -20.62
CA PRO F 106 -9.57 8.30 -20.69
C PRO F 106 -10.70 7.28 -20.89
N ILE F 107 -10.72 6.26 -20.02
CA ILE F 107 -11.80 5.27 -19.92
C ILE F 107 -12.67 5.69 -18.74
N PRO F 108 -13.95 6.09 -19.01
CA PRO F 108 -14.88 6.34 -17.90
C PRO F 108 -15.16 5.10 -17.06
N GLY F 109 -14.46 4.93 -15.96
CA GLY F 109 -14.66 3.75 -15.13
C GLY F 109 -13.85 3.76 -13.85
N HIS F 110 -13.61 2.57 -13.33
CA HIS F 110 -12.88 2.31 -12.08
C HIS F 110 -12.01 1.07 -12.25
N TYR F 111 -10.70 1.30 -12.28
CA TYR F 111 -9.65 0.32 -12.60
C TYR F 111 -8.41 0.97 -12.03
N ARG F 112 -7.31 0.20 -11.91
CA ARG F 112 -6.01 0.74 -11.61
C ARG F 112 -5.27 1.16 -12.88
N ALA F 113 -5.29 0.34 -13.94
CA ALA F 113 -4.51 0.64 -15.15
C ALA F 113 -4.91 -0.24 -16.34
N VAL F 114 -4.49 0.20 -17.54
CA VAL F 114 -4.46 -0.65 -18.75
C VAL F 114 -2.99 -0.76 -19.10
N ALA F 115 -2.62 -1.84 -19.77
CA ALA F 115 -1.21 -2.12 -20.03
C ALA F 115 -1.05 -3.05 -21.21
N VAL F 116 0.15 -2.98 -21.80
CA VAL F 116 0.58 -3.93 -22.82
C VAL F 116 1.90 -4.46 -22.35
N GLU F 117 2.15 -5.71 -22.69
CA GLU F 117 3.39 -6.41 -22.39
C GLU F 117 3.76 -7.32 -23.55
N ILE F 118 5.03 -7.30 -23.92
CA ILE F 118 5.57 -8.10 -25.04
C ILE F 118 6.84 -8.79 -24.59
N THR F 119 7.15 -9.95 -25.18
CA THR F 119 8.42 -10.61 -25.03
C THR F 119 9.10 -10.77 -26.41
N ARG F 120 10.31 -10.23 -26.55
CA ARG F 120 11.09 -10.33 -27.79
C ARG F 120 12.46 -10.96 -27.56
N GLU F 121 12.95 -11.66 -28.58
CA GLU F 121 14.32 -12.19 -28.63
C GLU F 121 14.87 -11.89 -30.03
N ARG F 122 16.13 -12.27 -30.31
CA ARG F 122 16.74 -11.93 -31.61
C ARG F 122 16.19 -12.76 -32.78
N PRO F 123 16.27 -12.22 -34.01
CA PRO F 123 15.97 -13.03 -35.21
C PRO F 123 16.90 -14.23 -35.38
N MSE G 4 2.18 -15.75 -25.52
N MSE G 4 2.55 -15.64 -25.30
CA MSE G 4 1.97 -14.66 -26.52
CA MSE G 4 2.21 -14.66 -26.37
C MSE G 4 2.06 -13.32 -25.84
C MSE G 4 2.16 -13.28 -25.80
O MSE G 4 2.21 -13.23 -24.62
O MSE G 4 2.29 -13.10 -24.58
CB MSE G 4 0.60 -14.85 -27.17
CB MSE G 4 0.84 -14.97 -27.00
CG MSE G 4 0.70 -15.32 -28.63
CG MSE G 4 0.62 -16.45 -27.34
SE MSE G 4 -1.03 -15.05 -29.55
SE MSE G 4 -1.19 -16.65 -28.09
CE MSE G 4 -0.26 -14.11 -31.10
CE MSE G 4 -0.90 -18.37 -29.01
N ASP G 5 1.96 -12.27 -26.65
CA ASP G 5 1.86 -10.88 -26.19
C ASP G 5 0.51 -10.64 -25.53
N LYS G 6 0.39 -9.56 -24.76
CA LYS G 6 -0.77 -9.40 -23.88
C LYS G 6 -1.26 -7.98 -23.78
N ILE G 7 -2.58 -7.82 -23.79
CA ILE G 7 -3.21 -6.62 -23.25
C ILE G 7 -3.79 -7.01 -21.90
N TYR G 8 -3.64 -6.08 -20.96
CA TYR G 8 -4.08 -6.26 -19.60
C TYR G 8 -4.98 -5.12 -19.25
N ILE G 9 -6.08 -5.41 -18.55
CA ILE G 9 -6.72 -4.40 -17.69
C ILE G 9 -6.64 -4.92 -16.27
N HIS G 10 -5.97 -4.17 -15.38
CA HIS G 10 -5.79 -4.57 -13.99
C HIS G 10 -6.82 -3.92 -13.06
N ASP G 11 -7.48 -4.75 -12.24
CA ASP G 11 -8.22 -4.31 -11.05
C ASP G 11 -9.42 -3.39 -11.30
N MSE G 12 -10.18 -3.75 -12.33
CA MSE G 12 -11.55 -3.22 -12.53
C MSE G 12 -12.42 -3.46 -11.32
O MSE G 12 -12.47 -4.57 -10.75
CB MSE G 12 -12.17 -3.90 -13.75
CG MSE G 12 -11.46 -3.47 -15.04
SE MSE G 12 -12.17 -4.39 -16.62
CE MSE G 12 -11.17 -6.06 -16.34
N GLU G 13 -13.09 -2.39 -10.88
CA GLU G 13 -13.94 -2.44 -9.71
C GLU G 13 -15.31 -2.07 -10.15
N PHE G 14 -16.29 -2.89 -9.79
CA PHE G 14 -17.68 -2.69 -10.20
C PHE G 14 -18.54 -2.95 -8.97
N TYR G 15 -19.71 -2.34 -8.93
CA TYR G 15 -20.69 -2.75 -7.93
C TYR G 15 -21.70 -3.61 -8.63
N GLY G 16 -22.08 -4.72 -8.02
CA GLY G 16 -23.01 -5.66 -8.63
C GLY G 16 -23.84 -6.39 -7.59
N TYR G 17 -24.68 -7.31 -8.06
CA TYR G 17 -25.68 -7.97 -7.23
C TYR G 17 -25.68 -9.47 -7.44
N HIS G 18 -24.49 -10.04 -7.67
CA HIS G 18 -24.34 -11.49 -7.89
C HIS G 18 -24.26 -12.21 -6.54
N GLY G 19 -24.77 -13.43 -6.49
CA GLY G 19 -24.71 -14.25 -5.29
C GLY G 19 -25.75 -15.36 -5.21
N VAL G 20 -25.45 -16.35 -4.37
CA VAL G 20 -26.33 -17.49 -4.17
C VAL G 20 -27.44 -17.08 -3.22
N PHE G 21 -27.07 -16.43 -2.12
CA PHE G 21 -28.03 -16.01 -1.09
C PHE G 21 -28.90 -14.87 -1.62
N PRO G 22 -30.24 -14.94 -1.43
CA PRO G 22 -31.04 -13.77 -1.86
C PRO G 22 -30.75 -12.49 -1.06
N GLU G 23 -29.96 -12.59 0.01
CA GLU G 23 -29.46 -11.40 0.70
C GLU G 23 -28.36 -10.66 -0.10
N GLU G 24 -27.47 -11.41 -0.75
CA GLU G 24 -26.42 -10.81 -1.62
C GLU G 24 -27.04 -10.16 -2.84
N ASN G 25 -28.01 -10.86 -3.41
CA ASN G 25 -28.83 -10.36 -4.50
C ASN G 25 -29.47 -8.98 -4.20
N LYS G 26 -29.98 -8.79 -2.98
CA LYS G 26 -30.58 -7.50 -2.59
C LYS G 26 -29.54 -6.41 -2.32
N LEU G 27 -28.59 -6.69 -1.43
CA LEU G 27 -27.61 -5.69 -0.98
C LEU G 27 -26.51 -5.37 -1.99
N GLY G 28 -26.08 -6.38 -2.76
CA GLY G 28 -24.91 -6.26 -3.61
C GLY G 28 -23.62 -6.15 -2.81
N GLN G 29 -22.54 -5.75 -3.48
CA GLN G 29 -21.19 -5.72 -2.91
C GLN G 29 -20.19 -5.27 -3.94
N ARG G 30 -18.93 -5.14 -3.54
CA ARG G 30 -17.86 -4.92 -4.49
C ARG G 30 -17.59 -6.17 -5.36
N PHE G 31 -17.30 -5.95 -6.64
CA PHE G 31 -16.69 -6.98 -7.52
C PHE G 31 -15.51 -6.46 -8.29
N LYS G 32 -14.37 -7.15 -8.20
CA LYS G 32 -13.25 -6.83 -9.05
C LYS G 32 -12.96 -7.82 -10.22
N VAL G 33 -12.50 -7.28 -11.35
CA VAL G 33 -12.02 -8.05 -12.50
C VAL G 33 -10.61 -7.66 -13.04
N ASP G 34 -9.69 -8.62 -13.02
CA ASP G 34 -8.42 -8.53 -13.74
C ASP G 34 -8.62 -9.21 -15.07
N LEU G 35 -8.22 -8.55 -16.16
CA LEU G 35 -8.35 -9.13 -17.50
C LEU G 35 -6.98 -9.20 -18.09
N THR G 36 -6.74 -10.32 -18.80
CA THR G 36 -5.57 -10.51 -19.63
C THR G 36 -6.06 -11.19 -20.92
N VAL G 37 -5.72 -10.60 -22.07
CA VAL G 37 -5.99 -11.18 -23.40
C VAL G 37 -4.67 -11.34 -24.15
N GLU G 38 -4.57 -12.44 -24.92
CA GLU G 38 -3.33 -12.85 -25.60
C GLU G 38 -3.50 -12.85 -27.11
N LEU G 39 -2.63 -12.11 -27.80
CA LEU G 39 -2.78 -11.82 -29.22
C LEU G 39 -1.43 -11.46 -29.81
N ASP G 40 -1.38 -11.06 -31.08
CA ASP G 40 -0.14 -10.57 -31.67
C ASP G 40 -0.15 -9.07 -31.60
N LEU G 41 0.98 -8.48 -31.20
CA LEU G 41 1.09 -7.01 -31.12
C LEU G 41 2.29 -6.44 -31.87
N LYS G 42 2.96 -7.24 -32.69
CA LYS G 42 4.11 -6.74 -33.48
C LYS G 42 3.68 -5.80 -34.60
N ARG G 43 2.56 -6.11 -35.25
CA ARG G 43 2.01 -5.24 -36.30
C ARG G 43 1.61 -3.87 -35.73
N ALA G 44 0.78 -3.90 -34.70
CA ALA G 44 0.35 -2.67 -34.00
C ALA G 44 1.54 -1.78 -33.65
N GLY G 45 2.53 -2.35 -32.98
CA GLY G 45 3.75 -1.64 -32.58
C GLY G 45 4.54 -1.06 -33.74
N GLU G 46 4.69 -1.84 -34.81
CA GLU G 46 5.35 -1.37 -36.02
C GLU G 46 4.54 -0.36 -36.84
N SER G 47 3.21 -0.54 -36.93
CA SER G 47 2.33 0.36 -37.71
C SER G 47 1.80 1.59 -36.94
N ASP G 48 1.74 1.49 -35.61
CA ASP G 48 1.09 2.51 -34.75
C ASP G 48 -0.40 2.77 -35.08
N ASP G 49 -1.10 1.72 -35.51
CA ASP G 49 -2.50 1.76 -35.96
C ASP G 49 -3.36 0.85 -35.05
N LEU G 50 -4.39 1.43 -34.42
CA LEU G 50 -5.26 0.73 -33.45
C LEU G 50 -6.05 -0.45 -34.02
N GLU G 51 -6.42 -0.37 -35.30
CA GLU G 51 -7.18 -1.45 -35.96
C GLU G 51 -6.38 -2.76 -36.10
N HIS G 52 -5.06 -2.67 -35.97
CA HIS G 52 -4.21 -3.86 -35.88
C HIS G 52 -4.11 -4.41 -34.45
N SER G 53 -4.69 -3.70 -33.48
CA SER G 53 -4.82 -4.19 -32.11
C SER G 53 -6.30 -4.29 -31.75
N VAL G 54 -6.58 -4.49 -30.46
CA VAL G 54 -7.92 -4.50 -29.88
C VAL G 54 -8.04 -3.26 -28.96
N ASN G 55 -9.16 -2.55 -29.04
CA ASN G 55 -9.41 -1.35 -28.22
C ASN G 55 -9.49 -1.72 -26.71
N TYR G 56 -8.63 -1.15 -25.88
CA TYR G 56 -8.67 -1.46 -24.43
C TYR G 56 -9.95 -0.91 -23.73
N GLY G 57 -10.55 0.13 -24.30
CA GLY G 57 -11.80 0.70 -23.80
C GLY G 57 -13.00 -0.18 -24.11
N GLU G 58 -12.93 -0.90 -25.23
CA GLU G 58 -13.95 -1.91 -25.53
C GLU G 58 -13.89 -3.13 -24.61
N LEU G 59 -12.69 -3.63 -24.31
CA LEU G 59 -12.50 -4.69 -23.30
C LEU G 59 -13.07 -4.30 -21.91
N PHE G 60 -12.81 -3.07 -21.47
CA PHE G 60 -13.42 -2.59 -20.17
C PHE G 60 -14.93 -2.66 -20.16
N GLU G 61 -15.56 -2.13 -21.21
CA GLU G 61 -17.01 -2.10 -21.39
C GLU G 61 -17.60 -3.48 -21.44
N LEU G 62 -16.95 -4.36 -22.20
CA LEU G 62 -17.36 -5.77 -22.28
C LEU G 62 -17.37 -6.38 -20.88
N CYS G 63 -16.39 -6.05 -20.06
CA CYS G 63 -16.34 -6.50 -18.67
C CYS G 63 -17.41 -5.94 -17.78
N ARG G 64 -17.68 -4.65 -17.92
CA ARG G 64 -18.65 -3.96 -17.07
C ARG G 64 -20.06 -4.47 -17.43
N LYS G 65 -20.30 -4.72 -18.71
CA LYS G 65 -21.63 -5.18 -19.13
C LYS G 65 -22.03 -6.46 -18.39
N VAL G 66 -21.08 -7.38 -18.24
CA VAL G 66 -21.38 -8.61 -17.58
C VAL G 66 -21.49 -8.41 -16.07
N VAL G 67 -20.59 -7.65 -15.51
CA VAL G 67 -20.61 -7.50 -14.07
C VAL G 67 -21.76 -6.61 -13.64
N GLU G 68 -22.05 -5.57 -14.40
CA GLU G 68 -23.12 -4.60 -14.00
C GLU G 68 -24.44 -4.81 -14.70
N ASP G 69 -24.42 -5.13 -15.99
CA ASP G 69 -25.68 -5.27 -16.75
C ASP G 69 -26.29 -6.68 -16.69
N ARG G 70 -25.69 -7.57 -15.91
CA ARG G 70 -26.21 -8.94 -15.75
C ARG G 70 -26.04 -9.35 -14.30
N THR G 71 -26.84 -10.32 -13.87
CA THR G 71 -26.79 -10.86 -12.50
C THR G 71 -26.90 -12.40 -12.45
N TYR G 72 -25.90 -12.99 -11.78
CA TYR G 72 -25.66 -14.43 -11.75
C TYR G 72 -25.56 -14.84 -10.29
N LYS G 73 -25.72 -16.12 -10.03
CA LYS G 73 -25.44 -16.64 -8.70
C LYS G 73 -23.93 -16.73 -8.41
N LEU G 74 -23.13 -17.11 -9.41
CA LEU G 74 -21.73 -17.42 -9.19
C LEU G 74 -20.75 -16.55 -9.97
N VAL G 75 -19.64 -16.18 -9.32
CA VAL G 75 -18.47 -15.58 -10.00
C VAL G 75 -17.98 -16.38 -11.24
N GLU G 76 -18.02 -17.71 -11.11
CA GLU G 76 -17.73 -18.63 -12.22
C GLU G 76 -18.44 -18.16 -13.47
N SER G 77 -19.75 -17.98 -13.40
CA SER G 77 -20.50 -17.50 -14.55
C SER G 77 -20.10 -16.10 -15.08
N ILE G 78 -19.59 -15.22 -14.21
CA ILE G 78 -19.10 -13.93 -14.63
C ILE G 78 -17.88 -14.10 -15.52
N ALA G 79 -16.86 -14.71 -14.97
CA ALA G 79 -15.65 -15.12 -15.70
C ALA G 79 -15.95 -15.75 -17.08
N GLU G 80 -16.92 -16.66 -17.12
CA GLU G 80 -17.19 -17.54 -18.34
C GLU G 80 -17.99 -16.77 -19.40
N ASN G 81 -18.82 -15.83 -18.95
CA ASN G 81 -19.52 -14.95 -19.86
C ASN G 81 -18.53 -13.91 -20.39
N ILE G 82 -17.60 -13.41 -19.55
CA ILE G 82 -16.56 -12.52 -20.09
C ILE G 82 -15.62 -13.27 -21.09
N ALA G 83 -15.15 -14.45 -20.70
CA ALA G 83 -14.23 -15.23 -21.56
C ALA G 83 -14.79 -15.46 -22.97
N THR G 84 -16.02 -15.92 -23.04
CA THR G 84 -16.74 -16.23 -24.27
C THR G 84 -16.97 -15.01 -25.18
N ASP G 85 -17.45 -13.91 -24.58
CA ASP G 85 -17.73 -12.69 -25.31
C ASP G 85 -16.50 -12.16 -25.98
N ILE G 86 -15.39 -12.18 -25.25
CA ILE G 86 -14.12 -11.76 -25.81
C ILE G 86 -13.75 -12.62 -27.05
N LEU G 87 -13.82 -13.94 -26.95
CA LEU G 87 -13.40 -14.77 -28.11
C LEU G 87 -14.40 -14.80 -29.29
N LYS G 88 -15.59 -14.20 -29.11
CA LYS G 88 -16.59 -14.07 -30.19
C LYS G 88 -16.40 -12.77 -30.95
N GLN G 89 -16.27 -11.66 -30.21
CA GLN G 89 -16.06 -10.33 -30.80
C GLN G 89 -14.67 -10.09 -31.41
N TYR G 90 -13.63 -10.79 -30.94
CA TYR G 90 -12.22 -10.44 -31.24
C TYR G 90 -11.40 -11.61 -31.79
N GLU G 91 -11.23 -11.59 -33.11
CA GLU G 91 -10.76 -12.73 -33.88
C GLU G 91 -9.28 -12.94 -33.59
N SER G 92 -8.52 -11.86 -33.73
CA SER G 92 -7.08 -11.78 -33.40
C SER G 92 -6.67 -12.40 -32.05
N ILE G 93 -7.54 -12.29 -31.04
CA ILE G 93 -7.26 -12.79 -29.69
C ILE G 93 -7.38 -14.31 -29.61
N SER G 94 -6.26 -14.98 -29.38
CA SER G 94 -6.15 -16.45 -29.35
C SER G 94 -6.62 -17.05 -28.05
N ARG G 95 -6.54 -16.24 -26.97
CA ARG G 95 -6.68 -16.74 -25.63
C ARG G 95 -6.92 -15.55 -24.65
N CYS G 96 -7.57 -15.84 -23.53
CA CYS G 96 -7.72 -14.87 -22.44
C CYS G 96 -7.79 -15.59 -21.10
N THR G 97 -7.68 -14.78 -20.04
CA THR G 97 -7.57 -15.21 -18.67
C THR G 97 -8.30 -14.14 -17.83
N ILE G 98 -9.36 -14.55 -17.13
CA ILE G 98 -10.26 -13.62 -16.43
C ILE G 98 -10.31 -14.02 -14.97
N LYS G 99 -9.72 -13.20 -14.13
CA LYS G 99 -9.87 -13.34 -12.71
C LYS G 99 -11.06 -12.49 -12.30
N VAL G 100 -12.08 -13.11 -11.71
CA VAL G 100 -13.18 -12.37 -11.07
C VAL G 100 -13.01 -12.57 -9.56
N ILE G 101 -13.11 -11.45 -8.83
CA ILE G 101 -12.68 -11.29 -7.45
C ILE G 101 -13.85 -10.79 -6.60
N LYS G 102 -14.10 -11.50 -5.50
CA LYS G 102 -15.16 -11.15 -4.58
C LYS G 102 -14.46 -10.64 -3.30
N PRO G 103 -14.14 -9.34 -3.25
CA PRO G 103 -13.26 -8.90 -2.14
C PRO G 103 -13.92 -8.93 -0.73
N ASP G 104 -15.26 -8.89 -0.68
CA ASP G 104 -16.03 -8.74 0.58
C ASP G 104 -17.12 -9.77 0.66
N PRO G 105 -16.77 -11.06 0.56
CA PRO G 105 -17.82 -12.03 0.61
C PRO G 105 -18.30 -12.21 2.05
N PRO G 106 -19.54 -12.68 2.22
CA PRO G 106 -20.05 -12.86 3.56
C PRO G 106 -19.55 -14.17 4.24
N ILE G 107 -18.23 -14.35 4.32
CA ILE G 107 -17.60 -15.48 5.04
C ILE G 107 -17.09 -14.92 6.37
N PRO G 108 -17.55 -15.47 7.53
CA PRO G 108 -17.05 -14.97 8.84
C PRO G 108 -15.58 -15.28 9.08
N GLY G 109 -14.78 -14.25 9.28
CA GLY G 109 -13.32 -14.39 9.34
C GLY G 109 -12.57 -13.28 8.65
N HIS G 110 -11.28 -13.52 8.41
CA HIS G 110 -10.34 -12.48 8.01
C HIS G 110 -9.44 -12.87 6.83
N TYR G 111 -9.43 -12.02 5.82
CA TYR G 111 -8.82 -12.30 4.50
C TYR G 111 -8.86 -11.02 3.65
N ARG G 112 -8.27 -11.06 2.43
CA ARG G 112 -8.39 -9.96 1.44
C ARG G 112 -9.50 -10.19 0.40
N ALA G 113 -9.63 -11.42 -0.10
CA ALA G 113 -10.55 -11.70 -1.20
C ALA G 113 -10.70 -13.18 -1.46
N VAL G 114 -11.82 -13.55 -2.11
CA VAL G 114 -11.91 -14.86 -2.76
C VAL G 114 -12.01 -14.57 -4.26
N ALA G 115 -11.69 -15.56 -5.09
CA ALA G 115 -11.62 -15.33 -6.54
C ALA G 115 -11.72 -16.62 -7.38
N VAL G 116 -12.22 -16.49 -8.60
CA VAL G 116 -12.12 -17.57 -9.61
C VAL G 116 -11.34 -16.99 -10.73
N GLU G 117 -10.64 -17.86 -11.46
CA GLU G 117 -9.90 -17.46 -12.61
C GLU G 117 -9.93 -18.56 -13.68
N ILE G 118 -10.23 -18.17 -14.92
CA ILE G 118 -10.21 -19.14 -16.05
C ILE G 118 -9.29 -18.72 -17.18
N THR G 119 -8.87 -19.70 -17.96
CA THR G 119 -8.13 -19.45 -19.18
C THR G 119 -8.89 -20.19 -20.24
N ARG G 120 -9.37 -19.46 -21.24
CA ARG G 120 -10.16 -20.04 -22.33
C ARG G 120 -9.41 -19.81 -23.62
N GLU G 121 -9.39 -20.82 -24.50
CA GLU G 121 -8.88 -20.68 -25.86
C GLU G 121 -9.88 -21.21 -26.89
N ARG G 122 -9.78 -20.70 -28.11
N ARG G 122 -9.75 -20.71 -28.12
CA ARG G 122 -10.66 -21.07 -29.21
CA ARG G 122 -10.64 -21.05 -29.23
C ARG G 122 -10.22 -22.41 -29.84
C ARG G 122 -10.22 -22.40 -29.87
N PRO G 123 -11.16 -23.35 -30.03
CA PRO G 123 -10.88 -24.55 -30.88
C PRO G 123 -10.75 -24.25 -32.38
N MSE H 4 -5.19 -25.32 -15.96
CA MSE H 4 -6.52 -25.57 -15.33
C MSE H 4 -7.05 -24.34 -14.62
O MSE H 4 -6.29 -23.46 -14.22
CB MSE H 4 -6.36 -26.69 -14.32
CG MSE H 4 -7.66 -27.35 -13.89
SE MSE H 4 -7.26 -29.17 -13.25
CE MSE H 4 -7.78 -30.07 -14.92
N ASP H 5 -8.37 -24.30 -14.46
CA ASP H 5 -9.03 -23.21 -13.73
C ASP H 5 -8.74 -23.31 -12.24
N LYS H 6 -8.90 -22.17 -11.56
CA LYS H 6 -8.53 -22.00 -10.17
C LYS H 6 -9.59 -21.28 -9.32
N ILE H 7 -9.77 -21.73 -8.08
CA ILE H 7 -10.33 -20.88 -6.99
C ILE H 7 -9.16 -20.43 -6.11
N TYR H 8 -9.14 -19.13 -5.80
CA TYR H 8 -8.16 -18.53 -4.89
C TYR H 8 -8.83 -18.09 -3.59
N ILE H 9 -8.18 -18.30 -2.44
CA ILE H 9 -8.44 -17.48 -1.24
C ILE H 9 -7.11 -16.80 -0.87
N HIS H 10 -7.15 -15.47 -0.85
CA HIS H 10 -6.00 -14.61 -0.71
C HIS H 10 -5.89 -14.03 0.68
N ASP H 11 -4.70 -14.15 1.26
CA ASP H 11 -4.28 -13.43 2.45
C ASP H 11 -5.21 -13.61 3.65
N MSE H 12 -5.49 -14.87 3.94
CA MSE H 12 -6.24 -15.26 5.12
C MSE H 12 -5.38 -15.02 6.31
O MSE H 12 -4.27 -15.53 6.36
CB MSE H 12 -6.57 -16.74 5.10
CG MSE H 12 -7.58 -17.04 4.01
SE MSE H 12 -7.91 -18.98 4.04
CE MSE H 12 -6.74 -19.38 2.51
N GLU H 13 -5.86 -14.23 7.26
CA GLU H 13 -5.10 -13.92 8.47
C GLU H 13 -5.69 -14.70 9.65
N PHE H 14 -4.84 -15.44 10.37
CA PHE H 14 -5.26 -16.16 11.56
C PHE H 14 -4.35 -15.77 12.70
N TYR H 15 -4.75 -16.12 13.91
CA TYR H 15 -3.86 -16.11 15.04
C TYR H 15 -3.63 -17.54 15.49
N GLY H 16 -2.39 -17.85 15.83
CA GLY H 16 -2.04 -19.21 16.21
C GLY H 16 -0.82 -19.33 17.09
N TYR H 17 -0.60 -20.56 17.55
CA TYR H 17 0.42 -20.83 18.55
C TYR H 17 1.41 -21.86 18.05
N HIS H 18 1.68 -21.85 16.74
CA HIS H 18 2.55 -22.85 16.12
C HIS H 18 3.97 -22.37 16.34
N GLY H 19 4.89 -23.32 16.56
CA GLY H 19 6.30 -22.96 16.68
C GLY H 19 7.22 -24.06 17.19
N VAL H 20 8.50 -23.90 16.88
CA VAL H 20 9.54 -24.83 17.31
C VAL H 20 9.83 -24.60 18.79
N PHE H 21 10.09 -23.35 19.18
CA PHE H 21 10.35 -23.00 20.57
C PHE H 21 9.08 -23.06 21.43
N PRO H 22 9.22 -23.31 22.76
CA PRO H 22 8.06 -23.16 23.65
C PRO H 22 7.49 -21.73 23.80
N GLU H 23 8.31 -20.70 23.57
CA GLU H 23 7.89 -19.31 23.79
C GLU H 23 6.96 -18.79 22.68
N GLU H 24 7.09 -19.37 21.48
CA GLU H 24 6.14 -19.12 20.38
C GLU H 24 4.79 -19.78 20.66
N ASN H 25 4.82 -20.96 21.30
CA ASN H 25 3.59 -21.68 21.66
C ASN H 25 2.71 -21.01 22.72
N LYS H 26 3.29 -20.10 23.50
CA LYS H 26 2.60 -19.48 24.63
C LYS H 26 2.06 -18.11 24.26
N LEU H 27 2.92 -17.27 23.68
CA LEU H 27 2.53 -15.93 23.25
C LEU H 27 1.66 -15.95 21.99
N GLY H 28 1.94 -16.89 21.09
CA GLY H 28 1.30 -16.93 19.78
C GLY H 28 1.81 -15.88 18.81
N GLN H 29 1.34 -15.98 17.57
CA GLN H 29 1.64 -15.00 16.52
C GLN H 29 0.69 -15.10 15.33
N ARG H 30 0.76 -14.11 14.44
CA ARG H 30 0.05 -14.12 13.17
C ARG H 30 0.51 -15.24 12.26
N PHE H 31 -0.46 -15.88 11.64
CA PHE H 31 -0.23 -16.84 10.58
C PHE H 31 -1.12 -16.40 9.46
N LYS H 32 -0.53 -16.21 8.27
N LYS H 32 -0.53 -16.21 8.27
CA LYS H 32 -1.30 -15.89 7.08
CA LYS H 32 -1.31 -15.89 7.08
C LYS H 32 -1.35 -17.14 6.16
C LYS H 32 -1.33 -17.11 6.13
N VAL H 33 -2.44 -17.32 5.42
CA VAL H 33 -2.54 -18.43 4.41
C VAL H 33 -2.98 -17.88 3.05
N ASP H 34 -2.30 -18.35 1.99
CA ASP H 34 -2.74 -18.22 0.60
C ASP H 34 -3.12 -19.60 0.06
N LEU H 35 -4.27 -19.68 -0.61
CA LEU H 35 -4.84 -20.94 -1.10
C LEU H 35 -5.10 -20.81 -2.59
N THR H 36 -4.70 -21.86 -3.32
CA THR H 36 -5.05 -22.04 -4.72
C THR H 36 -5.48 -23.49 -4.86
N VAL H 37 -6.59 -23.73 -5.55
CA VAL H 37 -7.05 -25.10 -5.83
C VAL H 37 -7.36 -25.16 -7.33
N GLU H 38 -6.96 -26.24 -8.00
CA GLU H 38 -7.20 -26.42 -9.46
C GLU H 38 -8.32 -27.45 -9.74
N LEU H 39 -9.25 -27.07 -10.62
CA LEU H 39 -10.41 -27.90 -10.96
C LEU H 39 -11.08 -27.26 -12.19
N ASP H 40 -11.92 -28.03 -12.89
CA ASP H 40 -12.67 -27.46 -14.00
C ASP H 40 -13.81 -26.61 -13.46
N LEU H 41 -13.93 -25.38 -13.97
CA LEU H 41 -14.99 -24.45 -13.57
C LEU H 41 -15.92 -24.14 -14.74
N LYS H 42 -15.74 -24.83 -15.86
CA LYS H 42 -16.50 -24.56 -17.08
C LYS H 42 -17.97 -24.96 -16.97
N ARG H 43 -18.26 -26.04 -16.23
CA ARG H 43 -19.66 -26.46 -15.96
C ARG H 43 -20.40 -25.52 -14.98
N ALA H 44 -19.72 -25.12 -13.91
CA ALA H 44 -20.26 -24.13 -12.96
C ALA H 44 -20.48 -22.80 -13.67
N GLY H 45 -19.46 -22.36 -14.42
CA GLY H 45 -19.60 -21.24 -15.34
C GLY H 45 -20.90 -21.27 -16.10
N GLU H 46 -21.10 -22.33 -16.88
CA GLU H 46 -22.25 -22.43 -17.80
C GLU H 46 -23.59 -22.79 -17.14
N SER H 47 -23.55 -23.53 -16.03
CA SER H 47 -24.77 -23.93 -15.30
C SER H 47 -25.24 -22.93 -14.25
N ASP H 48 -24.31 -22.16 -13.68
CA ASP H 48 -24.56 -21.31 -12.49
C ASP H 48 -25.00 -22.12 -11.27
N ASP H 49 -24.51 -23.35 -11.18
N ASP H 49 -24.55 -23.38 -11.20
CA ASP H 49 -24.92 -24.30 -10.16
CA ASP H 49 -24.91 -24.29 -10.13
C ASP H 49 -23.72 -24.47 -9.23
C ASP H 49 -23.71 -24.43 -9.22
N LEU H 50 -23.92 -24.12 -7.95
CA LEU H 50 -22.89 -24.20 -6.94
C LEU H 50 -22.38 -25.61 -6.69
N GLU H 51 -23.26 -26.59 -6.87
CA GLU H 51 -22.91 -28.00 -6.75
C GLU H 51 -21.89 -28.47 -7.81
N HIS H 52 -21.77 -27.73 -8.92
CA HIS H 52 -20.71 -27.99 -9.90
C HIS H 52 -19.39 -27.27 -9.61
N SER H 53 -19.27 -26.69 -8.43
CA SER H 53 -18.03 -26.08 -7.96
C SER H 53 -17.80 -26.39 -6.49
N VAL H 54 -16.72 -25.85 -5.93
CA VAL H 54 -16.39 -26.02 -4.52
C VAL H 54 -16.77 -24.74 -3.77
N ASN H 55 -17.46 -24.89 -2.65
CA ASN H 55 -17.74 -23.76 -1.77
C ASN H 55 -16.47 -23.08 -1.24
N TYR H 56 -16.22 -21.83 -1.63
CA TYR H 56 -15.02 -21.14 -1.10
C TYR H 56 -15.11 -20.89 0.42
N GLY H 57 -16.32 -20.86 0.98
CA GLY H 57 -16.51 -20.71 2.42
C GLY H 57 -16.05 -21.92 3.21
N GLU H 58 -16.22 -23.11 2.63
CA GLU H 58 -15.71 -24.31 3.25
C GLU H 58 -14.20 -24.39 3.15
N LEU H 59 -13.64 -23.95 2.02
CA LEU H 59 -12.20 -23.85 1.87
C LEU H 59 -11.57 -22.98 2.96
N PHE H 60 -12.17 -21.81 3.23
CA PHE H 60 -11.69 -20.95 4.33
C PHE H 60 -11.65 -21.71 5.64
N GLU H 61 -12.72 -22.47 5.90
CA GLU H 61 -12.90 -23.14 7.17
C GLU H 61 -11.92 -24.28 7.42
N LEU H 62 -11.72 -25.13 6.42
CA LEU H 62 -10.64 -26.13 6.44
C LEU H 62 -9.31 -25.47 6.78
N CYS H 63 -9.02 -24.32 6.16
CA CYS H 63 -7.80 -23.58 6.46
C CYS H 63 -7.79 -23.06 7.89
N ARG H 64 -8.88 -22.43 8.33
CA ARG H 64 -9.03 -22.01 9.75
C ARG H 64 -8.87 -23.18 10.73
N LYS H 65 -9.37 -24.35 10.37
CA LYS H 65 -9.26 -25.54 11.23
C LYS H 65 -7.82 -26.02 11.38
N VAL H 66 -7.03 -25.99 10.30
CA VAL H 66 -5.64 -26.41 10.37
C VAL H 66 -4.81 -25.37 11.16
N VAL H 67 -5.11 -24.08 10.97
CA VAL H 67 -4.28 -23.02 11.57
C VAL H 67 -4.74 -22.63 12.98
N GLU H 68 -6.04 -22.53 13.21
CA GLU H 68 -6.57 -22.16 14.55
C GLU H 68 -6.92 -23.35 15.45
N ASP H 69 -7.51 -24.40 14.90
CA ASP H 69 -7.91 -25.55 15.73
C ASP H 69 -6.76 -26.48 16.09
N ARG H 70 -5.54 -26.20 15.58
CA ARG H 70 -4.38 -27.06 15.81
C ARG H 70 -3.15 -26.22 16.19
N THR H 71 -2.18 -26.89 16.80
CA THR H 71 -0.87 -26.30 17.09
C THR H 71 0.21 -27.30 16.67
N TYR H 72 1.07 -26.88 15.74
CA TYR H 72 2.17 -27.69 15.22
C TYR H 72 3.48 -26.96 15.47
N LYS H 73 4.60 -27.68 15.35
CA LYS H 73 5.92 -27.07 15.45
C LYS H 73 6.22 -26.23 14.22
N LEU H 74 6.05 -26.85 13.06
CA LEU H 74 6.42 -26.23 11.80
C LEU H 74 5.24 -25.53 11.13
N VAL H 75 5.54 -24.50 10.33
CA VAL H 75 4.61 -24.04 9.28
C VAL H 75 4.41 -25.10 8.18
N GLU H 76 5.44 -25.89 7.87
CA GLU H 76 5.34 -26.99 6.90
C GLU H 76 4.23 -27.99 7.22
N SER H 77 3.98 -28.21 8.51
CA SER H 77 2.88 -29.07 8.94
C SER H 77 1.52 -28.40 8.79
N ILE H 78 1.48 -27.06 8.73
CA ILE H 78 0.24 -26.36 8.38
C ILE H 78 -0.08 -26.59 6.89
N ALA H 79 0.90 -26.36 6.02
CA ALA H 79 0.71 -26.46 4.57
C ALA H 79 0.28 -27.87 4.18
N GLU H 80 0.89 -28.88 4.81
CA GLU H 80 0.62 -30.30 4.50
C GLU H 80 -0.80 -30.75 4.87
N ASN H 81 -1.24 -30.37 6.07
CA ASN H 81 -2.56 -30.73 6.56
C ASN H 81 -3.71 -30.01 5.83
N ILE H 82 -3.48 -28.78 5.40
CA ILE H 82 -4.44 -28.06 4.54
C ILE H 82 -4.62 -28.82 3.22
N ALA H 83 -3.50 -29.09 2.55
CA ALA H 83 -3.53 -29.80 1.29
C ALA H 83 -4.14 -31.20 1.46
N THR H 84 -3.74 -31.90 2.53
CA THR H 84 -4.31 -33.19 2.92
C THR H 84 -5.84 -33.13 3.01
N ASP H 85 -6.32 -32.23 3.85
CA ASP H 85 -7.75 -32.07 4.07
C ASP H 85 -8.50 -31.69 2.77
N ILE H 86 -7.87 -30.88 1.91
CA ILE H 86 -8.50 -30.45 0.63
C ILE H 86 -8.66 -31.63 -0.33
N LEU H 87 -7.56 -32.28 -0.69
CA LEU H 87 -7.62 -33.35 -1.71
C LEU H 87 -8.54 -34.52 -1.29
N LYS H 88 -8.52 -34.86 0.00
CA LYS H 88 -9.37 -35.94 0.53
C LYS H 88 -10.87 -35.69 0.33
N GLN H 89 -11.34 -34.51 0.77
CA GLN H 89 -12.77 -34.21 0.80
C GLN H 89 -13.37 -33.72 -0.52
N TYR H 90 -12.56 -33.03 -1.32
CA TYR H 90 -13.04 -32.41 -2.57
C TYR H 90 -12.50 -33.13 -3.78
N GLU H 91 -13.20 -34.18 -4.19
CA GLU H 91 -12.68 -35.05 -5.26
C GLU H 91 -12.52 -34.32 -6.60
N SER H 92 -13.33 -33.29 -6.83
CA SER H 92 -13.21 -32.46 -8.04
C SER H 92 -11.89 -31.70 -8.16
N ILE H 93 -11.16 -31.56 -7.05
CA ILE H 93 -9.93 -30.78 -6.96
C ILE H 93 -8.72 -31.68 -7.28
N SER H 94 -8.14 -31.47 -8.46
N SER H 94 -8.13 -31.50 -8.46
CA SER H 94 -7.01 -32.25 -8.98
CA SER H 94 -6.99 -32.33 -8.91
C SER H 94 -5.65 -31.90 -8.35
C SER H 94 -5.62 -31.90 -8.37
N ARG H 95 -5.49 -30.65 -7.92
CA ARG H 95 -4.22 -30.15 -7.40
C ARG H 95 -4.49 -28.96 -6.46
N CYS H 96 -3.57 -28.69 -5.54
CA CYS H 96 -3.61 -27.42 -4.79
C CYS H 96 -2.19 -26.94 -4.43
N THR H 97 -2.02 -25.63 -4.46
CA THR H 97 -0.82 -24.98 -3.98
C THR H 97 -1.21 -24.23 -2.71
N ILE H 98 -0.49 -24.49 -1.62
CA ILE H 98 -0.79 -23.86 -0.33
C ILE H 98 0.46 -23.13 0.08
N LYS H 99 0.32 -21.85 0.47
CA LYS H 99 1.42 -21.06 0.97
C LYS H 99 1.11 -20.63 2.39
N VAL H 100 1.96 -21.02 3.34
CA VAL H 100 1.81 -20.61 4.73
C VAL H 100 2.89 -19.59 5.04
N ILE H 101 2.48 -18.43 5.58
CA ILE H 101 3.31 -17.25 5.83
C ILE H 101 3.40 -16.98 7.36
N LYS H 102 4.62 -16.68 7.85
CA LYS H 102 4.85 -16.25 9.24
C LYS H 102 5.37 -14.83 9.12
N PRO H 103 4.50 -13.81 9.29
CA PRO H 103 5.03 -12.46 9.01
C PRO H 103 5.87 -11.89 10.15
N ASP H 104 5.67 -12.43 11.35
CA ASP H 104 6.24 -11.91 12.60
C ASP H 104 6.97 -12.97 13.41
N PRO H 105 7.95 -13.67 12.79
CA PRO H 105 8.71 -14.68 13.50
C PRO H 105 9.76 -14.06 14.40
N PRO H 106 10.25 -14.83 15.39
CA PRO H 106 11.26 -14.30 16.31
C PRO H 106 12.68 -14.36 15.73
N ILE H 107 12.89 -13.69 14.60
CA ILE H 107 14.19 -13.60 13.94
C ILE H 107 14.68 -12.17 14.07
N PRO H 108 15.88 -11.97 14.67
CA PRO H 108 16.35 -10.60 14.84
C PRO H 108 16.77 -9.98 13.52
N GLY H 109 15.93 -9.10 12.99
CA GLY H 109 16.14 -8.50 11.69
C GLY H 109 14.94 -7.76 11.14
N HIS H 110 15.07 -7.43 9.86
CA HIS H 110 14.16 -6.61 9.07
C HIS H 110 13.79 -7.31 7.76
N TYR H 111 12.51 -7.63 7.63
CA TYR H 111 11.99 -8.42 6.52
C TYR H 111 10.48 -8.26 6.55
N ARG H 112 9.77 -8.67 5.50
CA ARG H 112 8.30 -8.66 5.52
C ARG H 112 7.81 -9.92 6.20
N ALA H 113 8.31 -11.08 5.74
CA ALA H 113 7.78 -12.37 6.19
C ALA H 113 8.66 -13.54 5.73
N VAL H 114 8.48 -14.68 6.40
CA VAL H 114 9.04 -15.97 5.95
C VAL H 114 7.83 -16.80 5.56
N ALA H 115 8.02 -17.79 4.69
CA ALA H 115 6.90 -18.57 4.19
C ALA H 115 7.33 -19.95 3.68
N VAL H 116 6.40 -20.90 3.69
CA VAL H 116 6.55 -22.14 2.91
C VAL H 116 5.40 -22.23 1.95
N GLU H 117 5.66 -22.95 0.86
CA GLU H 117 4.71 -23.13 -0.21
C GLU H 117 4.90 -24.54 -0.77
N ILE H 118 3.78 -25.24 -0.95
CA ILE H 118 3.79 -26.60 -1.47
C ILE H 118 2.69 -26.78 -2.48
N THR H 119 2.91 -27.68 -3.43
CA THR H 119 1.95 -28.01 -4.45
C THR H 119 1.74 -29.52 -4.30
N ARG H 120 0.48 -29.98 -4.31
CA ARG H 120 0.20 -31.43 -4.19
C ARG H 120 -0.82 -31.89 -5.22
N GLU H 121 -0.51 -33.00 -5.90
CA GLU H 121 -1.50 -33.79 -6.66
C GLU H 121 -1.66 -35.14 -5.94
N ARG H 122 -2.57 -35.96 -6.44
CA ARG H 122 -2.83 -37.27 -5.86
C ARG H 122 -1.72 -38.24 -6.30
N PRO H 123 -1.14 -39.00 -5.33
CA PRO H 123 0.04 -39.82 -5.60
C PRO H 123 -0.26 -41.16 -6.29
C1 9MG I . -0.57 -6.40 28.18
N2 9MG I . 0.81 -5.90 27.93
C3 9MG I . 1.88 -6.68 27.69
N4 9MG I . 2.99 -5.93 27.51
C5 9MG I . 2.63 -4.64 27.62
C6 9MG I . 3.33 -3.34 27.53
O7 9MG I . 4.67 -3.33 27.27
N8 9MG I . 2.61 -2.20 27.71
C9 9MG I . 1.26 -2.24 27.97
N10 9MG I . 0.60 -1.06 28.13
N11 9MG I . 0.56 -3.41 28.06
C12 9MG I . 1.19 -4.61 27.90
C1 9MG J . -27.66 3.88 6.06
N2 9MG J . -27.06 3.42 7.35
C3 9MG J . -27.04 2.14 7.75
N4 9MG J . -26.43 2.05 8.98
C5 9MG J . -26.06 3.29 9.34
C6 9MG J . -25.38 3.89 10.50
O7 9MG J . -24.96 3.14 11.53
N8 9MG J . -25.17 5.23 10.51
C9 9MG J . -25.58 6.01 9.49
N10 9MG J . -25.34 7.33 9.61
N11 9MG J . -26.22 5.53 8.39
C12 9MG J . -26.49 4.19 8.26
C1 9MG K . -4.77 25.19 -12.75
N2 9MG K . -6.08 24.70 -12.25
C3 9MG K . -6.96 24.05 -13.02
N4 9MG K . -8.08 23.74 -12.31
C5 9MG K . -7.90 24.20 -11.07
C6 9MG K . -8.69 24.20 -9.82
O7 9MG K . -9.92 23.65 -9.75
N8 9MG K . -8.16 24.78 -8.73
C9 9MG K . -6.94 25.38 -8.73
N10 9MG K . -6.50 25.94 -7.59
N11 9MG K . -6.16 25.41 -9.86
C12 9MG K . -6.58 24.85 -11.02
C1 9MG L . 22.72 15.19 8.92
N2 9MG L . 22.06 16.04 7.90
C3 9MG L . 22.41 16.09 6.59
N4 9MG L . 21.60 16.96 5.93
C5 9MG L . 20.73 17.48 6.82
C6 9MG L . 19.61 18.46 6.80
O7 9MG L . 19.24 19.08 5.66
N8 9MG L . 18.96 18.72 7.95
C9 9MG L . 19.28 18.13 9.11
N10 9MG L . 18.56 18.46 10.21
N11 9MG L . 20.30 17.22 9.21
C12 9MG L . 21.04 16.87 8.13
C1 9MG M . 13.77 -21.80 12.49
N2 9MG M . 12.37 -22.19 12.35
C3 9MG M . 11.39 -22.00 13.25
N4 9MG M . 10.21 -22.48 12.79
C5 9MG M . 10.44 -22.97 11.56
C6 9MG M . 9.63 -23.62 10.49
O7 9MG M . 8.31 -23.87 10.64
N8 9MG M . 10.24 -23.99 9.34
C9 9MG M . 11.56 -23.78 9.14
N10 9MG M . 12.07 -24.19 7.95
N11 9MG M . 12.36 -23.18 10.06
C12 9MG M . 11.86 -22.78 11.27
C1 9MG N . 25.10 1.26 -13.38
N2 9MG N . 25.36 0.30 -12.29
C3 9MG N . 25.89 0.60 -11.10
N4 9MG N . 25.99 -0.52 -10.32
C5 9MG N . 25.53 -1.55 -11.04
C6 9MG N . 25.34 -3.01 -10.84
O7 9MG N . 25.67 -3.63 -9.70
N8 9MG N . 24.80 -3.73 -11.85
C9 9MG N . 24.45 -3.18 -13.03
N10 9MG N . 23.93 -4.00 -13.96
N11 9MG N . 24.58 -1.85 -13.29
C12 9MG N . 25.11 -1.01 -12.35
C1 9MG O . -8.49 2.72 -26.90
N2 9MG O . -7.02 2.92 -27.00
C3 9MG O . -6.39 4.10 -26.98
N4 9MG O . -5.05 3.93 -27.09
C5 9MG O . -4.82 2.61 -27.18
C6 9MG O . -3.63 1.74 -27.30
O7 9MG O . -2.37 2.25 -27.35
N8 9MG O . -3.82 0.41 -27.35
C9 9MG O . -5.06 -0.16 -27.31
N10 9MG O . -5.13 -1.51 -27.37
N11 9MG O . -6.19 0.58 -27.18
C12 9MG O . -6.13 1.94 -27.12
C1 9MG P . -20.72 -19.30 -1.02
N2 9MG P . -20.66 -18.68 -2.36
C3 9MG P . -21.34 -17.58 -2.74
N4 9MG P . -21.06 -17.27 -4.03
C5 9MG P . -20.21 -18.20 -4.49
C6 9MG P . -19.50 -18.47 -5.77
O7 9MG P . -19.66 -17.69 -6.84
N8 9MG P . -18.68 -19.54 -5.85
C9 9MG P . -18.48 -20.35 -4.79
N10 9MG P . -17.64 -21.40 -4.98
N11 9MG P . -19.08 -20.17 -3.58
C12 9MG P . -19.94 -19.13 -3.39
#